data_6KI9
#
_entry.id   6KI9
#
_cell.length_a   63.862
_cell.length_b   137.005
_cell.length_c   156.862
_cell.angle_alpha   90.0
_cell.angle_beta   90.0
_cell.angle_gamma   90.0
#
_symmetry.space_group_name_H-M   'P 21 21 21'
#
loop_
_entity.id
_entity.type
_entity.pdbx_description
1 polymer 'FabMG, novel types of Enoyl-acyl carrier protein reductase'
2 non-polymer 1,2-ETHANEDIOL
3 non-polymer 'TETRAETHYLENE GLYCOL'
4 water water
#
_entity_poly.entity_id   1
_entity_poly.type   'polypeptide(L)'
_entity_poly.pdbx_seq_one_letter_code
;MKSPIPLRDVPQSNIFRKGDVFVLFGELFGRGYANGLINEARDAGMTIVGITVGRRDENNALRALTAEELATAEANLGGR
IINVPLMAGFDLDAPAGEPTPTDLLADMTLKSWQDDKLDWAHIEKCRAVGVQRFKDGVAKVMAELDGMIPDGANAFFAHT
MAGGIPKVKVFLAIANRIYKGRGERFLSSSALLNSDLGKLILMNFDEVTANTFLHLIEGSAAIRARLEKSGGQVRYSAYG
YHGTEILIDDKYQWQTYTSYTQGKAKMRLERIAEDAWKQGIKATVYNCPEIRTNSSDIFVGVELSLFPLLKALKKENGGA
WAEAQWQACREVLSEGHTLESLLQKIDDYNASDVMKGFRNFEAWPMPNTAELADIMIGTSDEITKMHKSRDALVTDVLSA
LVLEGTGPLMFHESSNPAGPVLWLSHDVIAKQLNLMHRLEHHHHHH
;
_entity_poly.pdbx_strand_id   A,B,C
#
# COMPACT_ATOMS: atom_id res chain seq x y z
N MET A 1 3.34 21.96 -12.02
CA MET A 1 3.23 22.74 -13.24
C MET A 1 2.59 21.92 -14.35
N LYS A 2 1.88 22.59 -15.24
CA LYS A 2 1.11 21.91 -16.27
C LYS A 2 1.93 21.78 -17.56
N SER A 3 3.09 22.43 -17.56
CA SER A 3 4.03 22.35 -18.68
C SER A 3 5.44 22.69 -18.18
N PRO A 4 6.47 22.26 -18.91
CA PRO A 4 7.86 22.60 -18.55
C PRO A 4 8.12 24.09 -18.39
N ILE A 5 9.00 24.44 -17.46
CA ILE A 5 9.42 25.82 -17.23
C ILE A 5 10.89 25.97 -17.60
N PRO A 6 11.17 26.37 -18.84
CA PRO A 6 12.54 26.37 -19.34
C PRO A 6 13.40 27.52 -18.86
N LEU A 7 14.67 27.23 -18.58
CA LEU A 7 15.69 28.27 -18.50
C LEU A 7 16.30 28.41 -19.91
N ARG A 8 16.15 29.59 -20.50
CA ARG A 8 16.58 29.81 -21.89
C ARG A 8 17.91 30.53 -21.99
N ASP A 9 18.17 31.43 -21.04
CA ASP A 9 19.35 32.28 -21.10
C ASP A 9 20.48 31.82 -20.21
N VAL A 10 21.71 31.97 -20.70
CA VAL A 10 22.88 31.66 -19.91
C VAL A 10 23.04 32.69 -18.79
N PRO A 11 23.05 32.22 -17.53
CA PRO A 11 23.23 33.12 -16.39
C PRO A 11 24.63 33.74 -16.36
N GLN A 12 24.76 34.96 -15.86
CA GLN A 12 26.07 35.60 -15.85
C GLN A 12 26.40 36.33 -14.55
N SER A 13 25.65 36.06 -13.49
CA SER A 13 26.01 36.61 -12.19
C SER A 13 26.61 35.53 -11.29
N ASN A 14 27.48 35.97 -10.38
CA ASN A 14 28.05 35.12 -9.36
C ASN A 14 28.26 35.95 -8.11
N ILE A 15 27.57 35.58 -7.04
CA ILE A 15 27.70 36.33 -5.79
C ILE A 15 28.69 35.65 -4.84
N PHE A 16 29.11 34.44 -5.16
CA PHE A 16 29.90 33.64 -4.24
C PHE A 16 31.40 33.96 -4.33
N ARG A 17 32.04 34.00 -3.17
CA ARG A 17 33.44 34.41 -3.06
C ARG A 17 34.18 33.52 -2.07
N LYS A 18 35.49 33.73 -1.98
CA LYS A 18 36.30 33.08 -0.96
C LYS A 18 35.70 33.36 0.42
N GLY A 19 35.52 32.31 1.22
CA GLY A 19 34.92 32.44 2.53
C GLY A 19 33.46 32.04 2.58
N ASP A 20 32.76 32.13 1.46
CA ASP A 20 31.39 31.63 1.37
C ASP A 20 31.44 30.11 1.44
N VAL A 21 30.34 29.48 1.86
CA VAL A 21 30.37 28.06 2.15
C VAL A 21 29.41 27.27 1.26
N PHE A 22 29.95 26.25 0.60
CA PHE A 22 29.18 25.33 -0.22
C PHE A 22 28.98 24.04 0.55
N VAL A 23 27.73 23.64 0.74
CA VAL A 23 27.44 22.44 1.51
C VAL A 23 26.84 21.37 0.62
N LEU A 24 27.54 20.24 0.49
CA LEU A 24 27.01 19.12 -0.30
C LEU A 24 26.12 18.28 0.59
N PHE A 25 24.83 18.36 0.37
CA PHE A 25 23.87 17.58 1.13
C PHE A 25 23.59 16.27 0.38
N GLY A 26 24.55 15.36 0.55
CA GLY A 26 24.59 14.09 -0.16
C GLY A 26 26.04 13.65 -0.06
N GLU A 27 26.31 12.37 -0.31
CA GLU A 27 27.72 11.95 -0.30
C GLU A 27 28.10 11.53 -1.70
N LEU A 28 29.27 12.02 -2.13
CA LEU A 28 29.80 11.75 -3.46
C LEU A 28 30.33 10.32 -3.58
N PHE A 29 29.79 9.57 -4.53
CA PHE A 29 30.27 8.24 -4.87
C PHE A 29 30.32 8.08 -6.38
N GLY A 30 31.51 8.18 -6.96
CA GLY A 30 31.63 8.10 -8.40
C GLY A 30 31.24 9.40 -9.08
N ARG A 31 31.51 9.49 -10.37
CA ARG A 31 31.27 10.72 -11.12
C ARG A 31 29.81 10.86 -11.55
N GLY A 32 29.29 12.08 -11.45
CA GLY A 32 27.95 12.40 -11.90
C GLY A 32 27.81 13.89 -11.99
N TYR A 33 26.58 14.39 -11.93
CA TYR A 33 26.31 15.82 -12.06
C TYR A 33 26.99 16.66 -10.97
N ALA A 34 26.97 16.16 -9.74
CA ALA A 34 27.41 16.94 -8.59
C ALA A 34 28.88 17.38 -8.71
N ASN A 35 29.70 16.56 -9.34
CA ASN A 35 31.12 16.88 -9.47
C ASN A 35 31.36 18.23 -10.13
N GLY A 36 30.64 18.51 -11.22
CA GLY A 36 30.80 19.77 -11.94
C GLY A 36 30.39 20.97 -11.09
N LEU A 37 29.31 20.81 -10.33
CA LEU A 37 28.81 21.88 -9.47
C LEU A 37 29.82 22.18 -8.36
N ILE A 38 30.33 21.11 -7.73
CA ILE A 38 31.35 21.24 -6.69
C ILE A 38 32.58 21.94 -7.26
N ASN A 39 32.97 21.56 -8.47
CA ASN A 39 34.10 22.19 -9.13
C ASN A 39 33.91 23.69 -9.38
N GLU A 40 32.70 24.08 -9.77
CA GLU A 40 32.37 25.50 -9.94
C GLU A 40 32.50 26.23 -8.61
N ALA A 41 31.96 25.63 -7.55
CA ALA A 41 32.05 26.25 -6.22
C ALA A 41 33.49 26.43 -5.77
N ARG A 42 34.30 25.39 -5.97
CA ARG A 42 35.71 25.44 -5.60
C ARG A 42 36.47 26.50 -6.38
N ASP A 43 36.18 26.60 -7.68
CA ASP A 43 36.85 27.58 -8.53
C ASP A 43 36.47 29.01 -8.13
N ALA A 44 35.30 29.18 -7.55
CA ALA A 44 34.86 30.48 -7.07
C ALA A 44 35.47 30.83 -5.71
N GLY A 45 36.22 29.88 -5.15
CA GLY A 45 36.91 30.10 -3.88
C GLY A 45 36.14 29.66 -2.65
N MET A 46 35.00 29.00 -2.85
CA MET A 46 34.17 28.62 -1.72
C MET A 46 34.78 27.52 -0.86
N THR A 47 34.44 27.56 0.42
CA THR A 47 34.77 26.47 1.34
C THR A 47 33.78 25.35 1.09
N ILE A 48 34.29 24.14 0.88
CA ILE A 48 33.44 22.99 0.61
C ILE A 48 33.24 22.17 1.87
N VAL A 49 31.97 21.96 2.25
CA VAL A 49 31.64 21.12 3.39
C VAL A 49 30.64 20.07 2.93
N GLY A 50 30.76 18.85 3.43
CA GLY A 50 29.87 17.79 3.01
C GLY A 50 29.36 16.96 4.16
N ILE A 51 28.31 16.19 3.90
CA ILE A 51 27.79 15.26 4.87
C ILE A 51 28.25 13.85 4.53
N THR A 52 27.96 12.91 5.41
CA THR A 52 28.15 11.51 5.09
C THR A 52 26.85 10.76 5.33
N VAL A 53 26.62 9.71 4.55
CA VAL A 53 25.46 8.87 4.76
C VAL A 53 25.77 7.77 5.77
N GLY A 54 27.04 7.70 6.16
CA GLY A 54 27.48 6.69 7.11
C GLY A 54 27.73 5.37 6.43
N ARG A 55 28.08 4.37 7.22
CA ARG A 55 28.28 3.01 6.72
C ARG A 55 27.53 2.04 7.62
N ARG A 56 27.74 0.74 7.41
CA ARG A 56 27.07 -0.28 8.20
C ARG A 56 28.10 -1.20 8.86
N ASP A 57 27.85 -1.57 10.11
CA ASP A 57 28.76 -2.47 10.81
C ASP A 57 28.49 -3.92 10.42
N GLU A 58 29.09 -4.85 11.15
CA GLU A 58 28.97 -6.27 10.85
C GLU A 58 27.54 -6.79 11.00
N ASN A 59 26.73 -6.07 11.78
CA ASN A 59 25.35 -6.48 12.05
C ASN A 59 24.34 -5.68 11.24
N ASN A 60 24.83 -4.97 10.22
CA ASN A 60 24.03 -4.13 9.34
C ASN A 60 23.47 -2.90 10.05
N ALA A 61 24.10 -2.52 11.16
CA ALA A 61 23.66 -1.35 11.91
C ALA A 61 24.38 -0.11 11.37
N LEU A 62 23.70 1.02 11.37
CA LEU A 62 24.27 2.27 10.86
C LEU A 62 25.34 2.81 11.80
N ARG A 63 26.44 3.29 11.24
CA ARG A 63 27.50 3.88 12.05
C ARG A 63 28.14 5.07 11.34
N ALA A 64 28.89 5.87 12.09
CA ALA A 64 29.65 6.96 11.53
C ALA A 64 30.89 6.41 10.84
N LEU A 65 31.62 7.29 10.15
CA LEU A 65 32.82 6.88 9.44
C LEU A 65 33.98 6.64 10.40
N THR A 66 34.89 5.75 10.01
CA THR A 66 36.14 5.59 10.74
C THR A 66 37.03 6.74 10.29
N ALA A 67 38.13 6.98 11.01
CA ALA A 67 39.03 8.06 10.62
C ALA A 67 39.60 7.86 9.22
N GLU A 68 39.71 6.60 8.79
CA GLU A 68 40.30 6.30 7.50
C GLU A 68 39.23 6.51 6.42
N GLU A 69 38.03 5.98 6.66
CA GLU A 69 36.91 6.22 5.75
C GLU A 69 36.66 7.71 5.62
N LEU A 70 36.71 8.42 6.75
CA LEU A 70 36.51 9.87 6.77
C LEU A 70 37.59 10.57 5.92
N ALA A 71 38.84 10.17 6.11
CA ALA A 71 39.93 10.77 5.35
C ALA A 71 39.76 10.53 3.85
N THR A 72 39.27 9.35 3.49
CA THR A 72 39.09 8.99 2.09
C THR A 72 37.97 9.83 1.49
N ALA A 73 36.87 9.94 2.23
CA ALA A 73 35.72 10.72 1.79
C ALA A 73 36.06 12.20 1.64
N GLU A 74 36.80 12.75 2.60
CA GLU A 74 37.19 14.15 2.53
C GLU A 74 38.16 14.41 1.38
N ALA A 75 39.04 13.43 1.11
CA ALA A 75 39.93 13.54 -0.04
C ALA A 75 39.12 13.55 -1.33
N ASN A 76 38.11 12.69 -1.39
CA ASN A 76 37.26 12.62 -2.57
C ASN A 76 36.50 13.91 -2.81
N LEU A 77 35.95 14.47 -1.74
CA LEU A 77 35.14 15.67 -1.83
C LEU A 77 35.99 16.91 -2.08
N GLY A 78 37.15 16.97 -1.44
CA GLY A 78 37.97 18.17 -1.46
C GLY A 78 37.46 19.14 -0.43
N GLY A 79 36.99 18.61 0.69
CA GLY A 79 36.47 19.43 1.76
C GLY A 79 36.19 18.67 3.04
N ARG A 80 35.80 19.40 4.07
CA ARG A 80 35.50 18.81 5.36
C ARG A 80 34.18 18.05 5.34
N ILE A 81 34.14 16.91 6.01
CA ILE A 81 32.90 16.16 6.14
C ILE A 81 32.49 16.04 7.59
N ILE A 82 31.25 16.40 7.86
CA ILE A 82 30.69 16.29 9.20
C ILE A 82 30.29 14.83 9.43
N ASN A 83 30.96 14.18 10.39
CA ASN A 83 30.82 12.73 10.54
C ASN A 83 29.61 12.34 11.37
N VAL A 84 28.43 12.62 10.86
CA VAL A 84 27.17 12.20 11.45
C VAL A 84 26.36 11.52 10.35
N PRO A 85 26.08 10.22 10.52
CA PRO A 85 25.47 9.40 9.45
C PRO A 85 24.05 9.80 9.05
N LEU A 86 23.93 10.53 7.94
CA LEU A 86 22.63 10.96 7.44
C LEU A 86 22.09 9.99 6.40
N MET A 87 21.63 8.83 6.86
CA MET A 87 21.08 7.83 5.96
C MET A 87 19.60 8.09 5.72
N ALA A 88 19.25 8.39 4.47
CA ALA A 88 17.85 8.68 4.13
C ALA A 88 17.05 7.40 3.94
N GLY A 89 15.72 7.52 4.00
CA GLY A 89 14.85 6.38 3.82
C GLY A 89 14.55 5.68 5.13
N PHE A 90 13.62 4.73 5.10
CA PHE A 90 13.19 4.06 6.32
C PHE A 90 13.15 2.55 6.16
N ASP A 91 13.71 2.03 5.07
CA ASP A 91 13.66 0.60 4.77
C ASP A 91 14.41 -0.25 5.80
N LEU A 92 15.28 0.36 6.59
CA LEU A 92 15.99 -0.37 7.63
C LEU A 92 15.73 0.23 9.01
N ASP A 93 14.58 0.91 9.14
CA ASP A 93 14.16 1.49 10.40
C ASP A 93 13.02 0.70 11.01
N ALA A 94 12.96 0.71 12.34
CA ALA A 94 11.90 0.02 13.07
C ALA A 94 11.92 0.45 14.52
N PRO A 95 10.78 0.34 15.21
CA PRO A 95 10.81 0.52 16.66
C PRO A 95 11.79 -0.49 17.26
N ALA A 96 12.43 -0.13 18.37
CA ALA A 96 13.44 -0.97 19.01
C ALA A 96 13.06 -2.45 19.06
N GLY A 97 13.91 -3.30 18.48
CA GLY A 97 13.72 -4.74 18.55
C GLY A 97 12.67 -5.32 17.61
N GLU A 98 12.07 -4.46 16.78
CA GLU A 98 11.02 -4.89 15.85
C GLU A 98 11.53 -4.99 14.40
N PRO A 99 10.82 -5.76 13.55
CA PRO A 99 11.17 -5.95 12.13
C PRO A 99 11.17 -4.67 11.29
N THR A 100 12.21 -4.50 10.49
CA THR A 100 12.27 -3.44 9.48
C THR A 100 11.38 -3.77 8.27
N PRO A 101 11.05 -2.75 7.46
CA PRO A 101 10.36 -3.01 6.20
C PRO A 101 11.09 -4.04 5.33
N THR A 102 12.42 -3.99 5.34
CA THR A 102 13.25 -4.94 4.60
C THR A 102 13.05 -6.36 5.12
N ASP A 103 12.97 -6.50 6.44
CA ASP A 103 12.70 -7.80 7.08
C ASP A 103 11.40 -8.40 6.54
N LEU A 104 10.40 -7.55 6.36
CA LEU A 104 9.09 -7.98 5.87
C LEU A 104 9.11 -8.46 4.42
N LEU A 105 10.21 -8.21 3.71
CA LEU A 105 10.35 -8.62 2.32
C LEU A 105 11.12 -9.93 2.16
N ALA A 106 11.67 -10.43 3.26
CA ALA A 106 12.61 -11.55 3.23
C ALA A 106 12.07 -12.80 2.54
N ASP A 107 10.78 -13.05 2.65
CA ASP A 107 10.18 -14.29 2.13
C ASP A 107 9.56 -14.13 0.75
N MET A 108 9.68 -12.95 0.15
CA MET A 108 9.15 -12.76 -1.20
C MET A 108 9.97 -13.55 -2.21
N THR A 109 9.27 -14.20 -3.13
CA THR A 109 9.91 -15.00 -4.15
C THR A 109 9.53 -14.48 -5.53
N LEU A 110 10.16 -15.05 -6.55
CA LEU A 110 9.86 -14.70 -7.93
C LEU A 110 8.37 -14.89 -8.21
N LYS A 111 7.80 -15.96 -7.67
CA LYS A 111 6.41 -16.30 -7.95
C LYS A 111 5.40 -15.63 -7.00
N SER A 112 5.86 -15.23 -5.81
CA SER A 112 4.93 -14.72 -4.80
C SER A 112 4.84 -13.19 -4.70
N TRP A 113 5.87 -12.48 -5.15
CA TRP A 113 6.00 -11.05 -4.83
C TRP A 113 4.83 -10.17 -5.31
N GLN A 114 4.21 -10.51 -6.43
CA GLN A 114 3.17 -9.64 -6.97
C GLN A 114 1.93 -9.61 -6.10
N ASP A 115 1.60 -10.75 -5.49
CA ASP A 115 0.40 -10.84 -4.66
C ASP A 115 0.68 -10.77 -3.15
N ASP A 116 1.95 -10.81 -2.76
CA ASP A 116 2.29 -10.72 -1.34
C ASP A 116 1.85 -9.39 -0.74
N LYS A 117 1.29 -9.44 0.45
CA LYS A 117 0.77 -8.25 1.10
C LYS A 117 1.58 -7.87 2.34
N LEU A 118 1.69 -6.57 2.60
CA LEU A 118 2.48 -6.06 3.71
C LEU A 118 1.63 -5.49 4.84
N ASP A 119 2.18 -5.52 6.05
CA ASP A 119 1.55 -4.88 7.21
C ASP A 119 1.81 -3.38 7.20
N TRP A 120 0.89 -2.61 6.64
CA TRP A 120 1.08 -1.18 6.46
C TRP A 120 1.08 -0.37 7.76
N ALA A 121 0.44 -0.91 8.80
CA ALA A 121 0.47 -0.24 10.10
C ALA A 121 1.89 -0.23 10.65
N HIS A 122 2.53 -1.40 10.59
CA HIS A 122 3.89 -1.54 11.08
C HIS A 122 4.83 -0.71 10.22
N ILE A 123 4.65 -0.79 8.91
CA ILE A 123 5.45 0.00 7.99
C ILE A 123 5.33 1.49 8.31
N GLU A 124 4.12 1.94 8.63
CA GLU A 124 3.90 3.32 9.03
C GLU A 124 4.72 3.66 10.28
N LYS A 125 4.75 2.75 11.27
CA LYS A 125 5.55 3.04 12.46
C LYS A 125 7.04 3.11 12.12
N CYS A 126 7.48 2.25 11.22
CA CYS A 126 8.87 2.25 10.76
C CYS A 126 9.23 3.55 10.05
N ARG A 127 8.32 4.04 9.21
CA ARG A 127 8.56 5.29 8.50
C ARG A 127 8.66 6.43 9.49
N ALA A 128 7.80 6.43 10.51
CA ALA A 128 7.84 7.49 11.52
C ALA A 128 9.20 7.48 12.25
N VAL A 129 9.66 6.29 12.59
CA VAL A 129 10.96 6.14 13.25
C VAL A 129 12.09 6.67 12.36
N GLY A 130 12.07 6.27 11.10
CA GLY A 130 13.09 6.70 10.15
C GLY A 130 13.13 8.20 9.94
N VAL A 131 11.94 8.80 9.82
CA VAL A 131 11.85 10.24 9.61
C VAL A 131 12.38 11.00 10.82
N GLN A 132 12.02 10.53 12.02
CA GLN A 132 12.52 11.22 13.22
C GLN A 132 14.04 11.06 13.32
N ARG A 133 14.55 9.88 12.95
CA ARG A 133 15.98 9.63 13.00
C ARG A 133 16.72 10.59 12.07
N PHE A 134 16.20 10.74 10.85
CA PHE A 134 16.83 11.61 9.86
C PHE A 134 16.79 13.06 10.33
N LYS A 135 15.66 13.45 10.93
CA LYS A 135 15.52 14.80 11.47
C LYS A 135 16.52 15.09 12.59
N ASP A 136 16.72 14.13 13.49
CA ASP A 136 17.67 14.31 14.59
C ASP A 136 19.09 14.41 14.05
N GLY A 137 19.37 13.60 13.02
CA GLY A 137 20.66 13.63 12.36
C GLY A 137 20.93 14.98 11.71
N VAL A 138 19.93 15.51 11.03
CA VAL A 138 20.04 16.82 10.40
C VAL A 138 20.29 17.87 11.46
N ALA A 139 19.59 17.76 12.59
CA ALA A 139 19.78 18.68 13.71
C ALA A 139 21.24 18.68 14.17
N LYS A 140 21.81 17.49 14.35
CA LYS A 140 23.21 17.41 14.78
C LYS A 140 24.18 18.00 13.75
N VAL A 141 23.94 17.64 12.48
CA VAL A 141 24.79 18.12 11.41
C VAL A 141 24.76 19.64 11.34
N MET A 142 23.58 20.23 11.49
CA MET A 142 23.42 21.67 11.38
C MET A 142 23.99 22.37 12.61
N ALA A 143 23.89 21.71 13.76
CA ALA A 143 24.47 22.25 14.97
C ALA A 143 25.98 22.37 14.79
N GLU A 144 26.58 21.42 14.08
CA GLU A 144 28.03 21.51 13.86
C GLU A 144 28.39 22.44 12.70
N LEU A 145 27.56 22.49 11.67
CA LEU A 145 27.80 23.32 10.49
C LEU A 145 27.67 24.79 10.80
N ASP A 146 26.80 25.12 11.76
CA ASP A 146 26.48 26.52 12.05
C ASP A 146 27.74 27.32 12.35
N GLY A 147 28.66 26.71 13.09
CA GLY A 147 29.89 27.37 13.47
C GLY A 147 30.94 27.43 12.37
N MET A 148 30.70 26.73 11.26
CA MET A 148 31.63 26.77 10.15
C MET A 148 31.26 27.83 9.11
N ILE A 149 30.09 28.42 9.24
CA ILE A 149 29.65 29.44 8.30
C ILE A 149 29.63 30.79 8.98
N PRO A 150 30.57 31.67 8.59
CA PRO A 150 30.71 32.93 9.33
C PRO A 150 29.53 33.87 9.11
N ASP A 151 29.30 34.77 10.06
CA ASP A 151 28.34 35.82 9.87
C ASP A 151 28.69 36.60 8.60
N GLY A 152 27.68 36.97 7.82
CA GLY A 152 27.90 37.73 6.60
C GLY A 152 28.22 36.90 5.37
N ALA A 153 28.36 35.60 5.54
CA ALA A 153 28.67 34.72 4.40
C ALA A 153 27.43 34.38 3.61
N ASN A 154 27.66 33.98 2.36
CA ASN A 154 26.63 33.37 1.52
C ASN A 154 26.72 31.88 1.70
N ALA A 155 25.59 31.19 1.63
CA ALA A 155 25.60 29.74 1.76
C ALA A 155 24.87 29.10 0.60
N PHE A 156 25.45 28.03 0.07
CA PHE A 156 24.87 27.31 -1.05
C PHE A 156 24.69 25.86 -0.61
N PHE A 157 23.45 25.45 -0.38
CA PHE A 157 23.17 24.06 0.00
C PHE A 157 22.78 23.27 -1.24
N ALA A 158 23.59 22.28 -1.60
CA ALA A 158 23.31 21.49 -2.81
C ALA A 158 22.85 20.08 -2.44
N HIS A 159 21.56 19.84 -2.65
CA HIS A 159 20.93 18.55 -2.35
C HIS A 159 21.15 17.55 -3.49
N THR A 160 21.59 16.33 -3.16
CA THR A 160 21.82 15.33 -4.21
C THR A 160 21.24 13.96 -3.87
N MET A 161 20.50 13.86 -2.78
CA MET A 161 19.98 12.57 -2.35
C MET A 161 18.89 12.06 -3.30
N ALA A 162 18.96 10.77 -3.62
CA ALA A 162 18.00 10.14 -4.50
C ALA A 162 18.12 8.63 -4.36
N GLY A 163 17.02 7.91 -4.51
CA GLY A 163 17.04 6.47 -4.41
C GLY A 163 15.96 5.94 -3.51
N GLY A 164 16.23 4.83 -2.83
CA GLY A 164 15.27 4.28 -1.89
C GLY A 164 14.80 2.87 -2.18
N ILE A 165 15.46 2.19 -3.11
CA ILE A 165 15.11 0.79 -3.38
C ILE A 165 15.59 -0.09 -2.24
N PRO A 166 14.66 -0.80 -1.58
CA PRO A 166 14.99 -1.71 -0.50
C PRO A 166 15.76 -2.93 -0.99
N LYS A 167 16.56 -3.51 -0.11
CA LYS A 167 17.28 -4.74 -0.42
C LYS A 167 16.33 -5.93 -0.38
N VAL A 168 16.05 -6.49 -1.55
CA VAL A 168 15.21 -7.68 -1.65
C VAL A 168 15.72 -8.50 -2.83
N LYS A 169 15.78 -9.81 -2.63
CA LYS A 169 16.45 -10.71 -3.56
C LYS A 169 15.78 -10.78 -4.92
N VAL A 170 14.47 -10.56 -4.93
CA VAL A 170 13.67 -10.68 -6.14
C VAL A 170 13.82 -9.48 -7.09
N PHE A 171 14.25 -8.34 -6.56
CA PHE A 171 14.21 -7.11 -7.34
C PHE A 171 15.06 -7.10 -8.60
N LEU A 172 16.25 -7.70 -8.56
CA LEU A 172 17.12 -7.72 -9.74
C LEU A 172 16.40 -8.31 -10.96
N ALA A 173 15.74 -9.44 -10.77
CA ALA A 173 15.04 -10.12 -11.87
C ALA A 173 13.88 -9.28 -12.40
N ILE A 174 13.13 -8.70 -11.46
CA ILE A 174 11.98 -7.86 -11.79
C ILE A 174 12.43 -6.69 -12.66
N ALA A 175 13.46 -6.00 -12.17
CA ALA A 175 14.01 -4.84 -12.87
C ALA A 175 14.55 -5.25 -14.23
N ASN A 176 15.21 -6.41 -14.31
CA ASN A 176 15.72 -6.86 -15.60
C ASN A 176 14.59 -7.01 -16.62
N ARG A 177 13.45 -7.56 -16.17
CA ARG A 177 12.32 -7.72 -17.09
C ARG A 177 11.67 -6.37 -17.45
N ILE A 178 11.51 -5.50 -16.46
CA ILE A 178 10.85 -4.22 -16.71
C ILE A 178 11.70 -3.33 -17.65
N TYR A 179 13.00 -3.25 -17.38
CA TYR A 179 13.87 -2.34 -18.13
C TYR A 179 14.39 -2.92 -19.45
N LYS A 180 14.55 -4.23 -19.52
CA LYS A 180 15.23 -4.82 -20.68
C LYS A 180 14.44 -5.93 -21.38
N GLY A 181 13.30 -6.31 -20.82
CA GLY A 181 12.56 -7.43 -21.35
C GLY A 181 11.74 -7.14 -22.60
N ARG A 182 11.85 -8.03 -23.58
CA ARG A 182 11.03 -8.02 -24.78
C ARG A 182 10.33 -9.38 -24.92
N GLY A 183 9.25 -9.40 -25.69
CA GLY A 183 8.49 -10.62 -25.92
C GLY A 183 7.90 -11.15 -24.63
N GLU A 184 8.08 -12.44 -24.35
CA GLU A 184 7.57 -13.03 -23.12
C GLU A 184 8.31 -12.51 -21.90
N ARG A 185 9.50 -11.96 -22.10
CA ARG A 185 10.29 -11.41 -21.00
C ARG A 185 9.78 -10.04 -20.57
N PHE A 186 8.98 -9.39 -21.42
CA PHE A 186 8.47 -8.06 -21.09
C PHE A 186 7.68 -8.09 -19.79
N LEU A 187 7.85 -7.04 -18.98
CA LEU A 187 7.06 -6.88 -17.77
C LEU A 187 6.68 -5.43 -17.61
N SER A 188 5.39 -5.18 -17.39
CA SER A 188 4.91 -3.82 -17.18
C SER A 188 5.43 -3.25 -15.86
N SER A 189 5.84 -1.98 -15.88
CA SER A 189 6.23 -1.29 -14.65
C SER A 189 5.06 -1.23 -13.68
N SER A 190 3.86 -1.23 -14.25
CA SER A 190 2.63 -1.21 -13.46
C SER A 190 2.50 -2.48 -12.62
N ALA A 191 3.06 -3.59 -13.09
CA ALA A 191 3.03 -4.83 -12.32
C ALA A 191 3.76 -4.62 -11.01
N LEU A 192 4.89 -3.92 -11.05
CA LEU A 192 5.64 -3.61 -9.84
C LEU A 192 4.90 -2.59 -8.98
N LEU A 193 4.50 -1.47 -9.59
CA LEU A 193 3.92 -0.39 -8.80
C LEU A 193 2.58 -0.74 -8.16
N ASN A 194 1.84 -1.66 -8.76
CA ASN A 194 0.56 -2.08 -8.22
C ASN A 194 0.69 -3.05 -7.05
N SER A 195 1.85 -3.71 -6.96
CA SER A 195 2.11 -4.63 -5.85
C SER A 195 2.42 -3.84 -4.57
N ASP A 196 2.33 -4.52 -3.44
CA ASP A 196 2.66 -3.91 -2.16
C ASP A 196 4.15 -3.58 -2.09
N LEU A 197 4.97 -4.45 -2.67
CA LEU A 197 6.40 -4.19 -2.80
C LEU A 197 6.64 -2.84 -3.48
N GLY A 198 5.96 -2.64 -4.61
CA GLY A 198 6.10 -1.40 -5.36
C GLY A 198 5.60 -0.19 -4.60
N LYS A 199 4.51 -0.37 -3.84
CA LYS A 199 3.98 0.73 -3.06
C LYS A 199 4.98 1.14 -1.98
N LEU A 200 5.64 0.15 -1.38
CA LEU A 200 6.67 0.41 -0.38
C LEU A 200 7.82 1.18 -1.02
N ILE A 201 8.26 0.68 -2.19
CA ILE A 201 9.32 1.34 -2.95
C ILE A 201 8.98 2.81 -3.22
N LEU A 202 7.76 3.07 -3.68
CA LEU A 202 7.33 4.46 -3.95
C LEU A 202 7.32 5.33 -2.68
N MET A 203 6.89 4.75 -1.56
CA MET A 203 6.93 5.48 -0.29
C MET A 203 8.36 5.89 0.08
N ASN A 204 9.28 4.94 -0.06
CA ASN A 204 10.67 5.21 0.25
C ASN A 204 11.27 6.21 -0.74
N PHE A 205 10.85 6.16 -2.00
CA PHE A 205 11.28 7.14 -2.99
C PHE A 205 10.86 8.53 -2.54
N ASP A 206 9.60 8.66 -2.11
CA ASP A 206 9.13 9.95 -1.62
C ASP A 206 10.01 10.43 -0.47
N GLU A 207 10.38 9.53 0.43
CA GLU A 207 11.25 9.95 1.54
C GLU A 207 12.67 10.36 1.12
N VAL A 208 13.32 9.53 0.32
CA VAL A 208 14.74 9.75 -0.01
C VAL A 208 14.95 10.85 -1.05
N THR A 209 14.17 10.81 -2.12
CA THR A 209 14.33 11.68 -3.28
C THR A 209 13.70 13.06 -3.07
N ALA A 210 12.63 13.13 -2.29
CA ALA A 210 11.93 14.39 -2.09
C ALA A 210 12.03 14.95 -0.68
N ASN A 211 11.51 14.21 0.30
CA ASN A 211 11.35 14.77 1.65
C ASN A 211 12.65 15.19 2.31
N THR A 212 13.76 14.54 1.96
CA THR A 212 15.06 14.96 2.47
C THR A 212 15.38 16.42 2.13
N PHE A 213 14.84 16.91 1.01
CA PHE A 213 15.04 18.30 0.63
C PHE A 213 14.29 19.21 1.62
N LEU A 214 13.08 18.80 1.99
CA LEU A 214 12.33 19.51 3.00
C LEU A 214 13.05 19.51 4.35
N HIS A 215 13.63 18.35 4.71
CA HIS A 215 14.33 18.23 5.99
C HIS A 215 15.59 19.10 6.00
N LEU A 216 16.21 19.25 4.83
CA LEU A 216 17.35 20.13 4.67
C LEU A 216 16.94 21.59 4.86
N ILE A 217 15.85 21.99 4.22
CA ILE A 217 15.41 23.38 4.28
C ILE A 217 14.95 23.75 5.69
N GLU A 218 14.17 22.87 6.32
CA GLU A 218 13.70 23.12 7.68
C GLU A 218 14.83 23.04 8.71
N GLY A 219 15.70 22.05 8.55
CA GLY A 219 16.80 21.85 9.47
C GLY A 219 17.80 22.99 9.49
N SER A 220 17.93 23.67 8.36
CA SER A 220 18.90 24.74 8.22
C SER A 220 18.29 26.12 8.46
N ALA A 221 17.05 26.14 8.95
CA ALA A 221 16.30 27.39 9.12
C ALA A 221 16.99 28.42 10.02
N ALA A 222 17.57 27.97 11.12
CA ALA A 222 18.24 28.87 12.05
C ALA A 222 19.49 29.49 11.42
N ILE A 223 20.26 28.65 10.73
CA ILE A 223 21.43 29.10 10.01
C ILE A 223 21.03 30.10 8.95
N ARG A 224 19.98 29.76 8.19
CA ARG A 224 19.49 30.63 7.13
C ARG A 224 19.10 32.01 7.68
N ALA A 225 18.32 32.01 8.76
CA ALA A 225 17.91 33.25 9.42
C ALA A 225 19.12 34.08 9.86
N ARG A 226 20.10 33.44 10.48
CA ARG A 226 21.26 34.19 10.95
C ARG A 226 22.05 34.79 9.79
N LEU A 227 22.20 34.04 8.69
CA LEU A 227 22.95 34.56 7.58
C LEU A 227 22.21 35.69 6.87
N GLU A 228 20.90 35.55 6.73
CA GLU A 228 20.08 36.56 6.07
C GLU A 228 20.03 37.85 6.88
N LYS A 229 19.95 37.74 8.20
CA LYS A 229 19.88 38.93 9.04
C LYS A 229 21.22 39.66 9.07
N SER A 230 22.28 38.94 8.73
CA SER A 230 23.56 39.59 8.48
C SER A 230 23.56 39.88 6.97
N GLY A 231 24.70 40.17 6.37
CA GLY A 231 24.68 40.54 4.97
C GLY A 231 24.49 39.46 3.90
N GLY A 232 24.16 38.23 4.30
CA GLY A 232 24.24 37.13 3.37
C GLY A 232 23.04 36.65 2.57
N GLN A 233 23.34 35.85 1.54
CA GLN A 233 22.35 35.19 0.71
C GLN A 233 22.42 33.69 0.89
N VAL A 234 21.27 33.02 0.92
CA VAL A 234 21.24 31.58 1.07
C VAL A 234 20.52 30.94 -0.10
N ARG A 235 21.10 29.87 -0.65
CA ARG A 235 20.52 29.15 -1.77
C ARG A 235 20.41 27.66 -1.49
N TYR A 236 19.38 27.05 -2.04
CA TYR A 236 19.21 25.61 -2.02
C TYR A 236 19.03 25.12 -3.45
N SER A 237 19.76 24.08 -3.84
CA SER A 237 19.55 23.46 -5.14
C SER A 237 19.25 21.99 -4.97
N ALA A 238 18.55 21.43 -5.96
CA ALA A 238 18.31 19.99 -6.01
C ALA A 238 18.38 19.57 -7.45
N TYR A 239 18.74 18.31 -7.67
CA TYR A 239 18.74 17.74 -9.01
C TYR A 239 17.42 17.07 -9.30
N GLY A 240 16.81 17.46 -10.41
CA GLY A 240 15.56 16.85 -10.82
C GLY A 240 15.66 16.18 -12.19
N TYR A 241 14.73 15.28 -12.47
CA TYR A 241 14.48 14.86 -13.84
C TYR A 241 12.99 14.87 -14.06
N HIS A 242 12.57 15.49 -15.15
CA HIS A 242 11.16 15.62 -15.47
C HIS A 242 11.04 15.76 -16.99
N GLY A 243 11.81 14.95 -17.70
CA GLY A 243 11.89 15.04 -19.15
C GLY A 243 12.71 16.25 -19.59
N THR A 244 13.02 16.30 -20.87
CA THR A 244 13.95 17.28 -21.42
C THR A 244 13.51 17.67 -22.81
N GLU A 245 13.63 18.95 -23.14
CA GLU A 245 13.40 19.40 -24.52
C GLU A 245 14.62 19.10 -25.38
N ILE A 246 14.39 18.40 -26.48
CA ILE A 246 15.45 18.07 -27.42
C ILE A 246 14.98 18.38 -28.83
N LEU A 247 15.91 18.49 -29.76
CA LEU A 247 15.56 18.84 -31.14
C LEU A 247 14.87 17.68 -31.85
N ILE A 248 13.61 17.91 -32.16
CA ILE A 248 12.86 17.01 -33.01
C ILE A 248 12.36 17.90 -34.15
N ASP A 249 12.71 17.51 -35.38
CA ASP A 249 12.40 18.30 -36.57
C ASP A 249 12.88 19.75 -36.45
N ASP A 250 14.13 19.92 -35.97
CA ASP A 250 14.74 21.24 -35.79
C ASP A 250 13.89 22.14 -34.89
N LYS A 251 13.13 21.54 -33.97
CA LYS A 251 12.39 22.33 -33.01
C LYS A 251 12.56 21.70 -31.62
N TYR A 252 12.84 22.51 -30.60
CA TYR A 252 13.00 21.96 -29.25
C TYR A 252 11.65 21.50 -28.72
N GLN A 253 11.55 20.21 -28.42
CA GLN A 253 10.31 19.60 -27.96
C GLN A 253 10.55 18.72 -26.74
N TRP A 254 9.69 18.86 -25.74
CA TRP A 254 9.77 18.05 -24.53
C TRP A 254 9.54 16.58 -24.83
N GLN A 255 10.38 15.74 -24.24
CA GLN A 255 10.19 14.31 -24.28
C GLN A 255 10.76 13.72 -23.00
N THR A 256 10.72 12.40 -22.87
CA THR A 256 11.20 11.75 -21.66
C THR A 256 11.62 10.33 -21.96
N TYR A 257 12.47 9.79 -21.07
CA TYR A 257 12.63 8.35 -20.95
C TYR A 257 11.45 7.80 -20.16
N THR A 258 10.93 6.67 -20.61
CA THR A 258 9.84 5.94 -19.96
C THR A 258 10.32 4.53 -19.69
N SER A 259 10.07 3.94 -18.52
CA SER A 259 9.27 4.51 -17.43
C SER A 259 10.13 4.97 -16.26
N TYR A 260 10.02 6.25 -15.91
CA TYR A 260 10.83 6.82 -14.85
C TYR A 260 10.14 6.70 -13.49
N THR A 261 10.49 5.65 -12.76
CA THR A 261 9.78 5.24 -11.56
C THR A 261 9.90 6.26 -10.42
N GLN A 262 10.96 7.05 -10.45
CA GLN A 262 11.17 8.10 -9.46
C GLN A 262 10.36 9.37 -9.75
N GLY A 263 9.52 9.33 -10.79
CA GLY A 263 8.83 10.53 -11.27
C GLY A 263 7.93 11.21 -10.25
N LYS A 264 7.10 10.43 -9.57
CA LYS A 264 6.22 11.01 -8.55
C LYS A 264 7.04 11.68 -7.45
N ALA A 265 8.14 11.03 -7.06
CA ALA A 265 9.00 11.60 -6.04
C ALA A 265 9.64 12.91 -6.52
N LYS A 266 10.04 12.95 -7.79
CA LYS A 266 10.65 14.17 -8.33
C LYS A 266 9.62 15.31 -8.39
N MET A 267 8.37 14.97 -8.67
CA MET A 267 7.34 16.01 -8.65
C MET A 267 7.04 16.50 -7.23
N ARG A 268 7.15 15.60 -6.25
CA ARG A 268 7.04 16.02 -4.84
C ARG A 268 8.19 16.95 -4.47
N LEU A 269 9.39 16.63 -4.95
CA LEU A 269 10.57 17.48 -4.77
C LEU A 269 10.32 18.90 -5.30
N GLU A 270 9.78 18.94 -6.52
CA GLU A 270 9.40 20.19 -7.15
C GLU A 270 8.43 20.99 -6.27
N ARG A 271 7.39 20.33 -5.78
CA ARG A 271 6.43 21.02 -4.92
C ARG A 271 7.05 21.55 -3.62
N ILE A 272 7.95 20.77 -3.02
CA ILE A 272 8.68 21.24 -1.85
C ILE A 272 9.42 22.55 -2.16
N ALA A 273 10.10 22.58 -3.31
CA ALA A 273 10.80 23.79 -3.73
C ALA A 273 9.84 24.97 -3.93
N GLU A 274 8.70 24.70 -4.55
CA GLU A 274 7.73 25.76 -4.83
C GLU A 274 7.15 26.38 -3.54
N ASP A 275 6.81 25.52 -2.59
CA ASP A 275 6.33 25.94 -1.27
C ASP A 275 7.37 26.82 -0.57
N ALA A 276 8.61 26.30 -0.55
CA ALA A 276 9.70 27.03 0.07
C ALA A 276 9.87 28.41 -0.58
N TRP A 277 9.78 28.45 -1.90
CA TRP A 277 9.93 29.68 -2.67
C TRP A 277 8.87 30.68 -2.25
N LYS A 278 7.65 30.18 -2.04
CA LYS A 278 6.56 31.05 -1.62
C LYS A 278 6.80 31.59 -0.21
N GLN A 279 7.62 30.88 0.56
CA GLN A 279 7.98 31.40 1.88
C GLN A 279 9.22 32.29 1.83
N GLY A 280 9.67 32.62 0.62
CA GLY A 280 10.82 33.51 0.45
C GLY A 280 12.16 32.80 0.47
N ILE A 281 12.11 31.48 0.45
CA ILE A 281 13.33 30.65 0.47
C ILE A 281 13.77 30.38 -0.97
N LYS A 282 15.03 30.69 -1.27
CA LYS A 282 15.52 30.56 -2.63
C LYS A 282 15.96 29.11 -2.89
N ALA A 283 14.96 28.24 -3.05
CA ALA A 283 15.20 26.82 -3.36
C ALA A 283 14.82 26.54 -4.80
N THR A 284 15.71 25.88 -5.53
CA THR A 284 15.44 25.59 -6.94
C THR A 284 15.76 24.15 -7.31
N VAL A 285 14.79 23.47 -7.90
CA VAL A 285 15.01 22.16 -8.51
C VAL A 285 15.42 22.36 -9.97
N TYR A 286 16.56 21.81 -10.34
CA TYR A 286 17.01 21.89 -11.72
C TYR A 286 16.72 20.59 -12.42
N ASN A 287 15.79 20.62 -13.37
CA ASN A 287 15.47 19.43 -14.14
C ASN A 287 16.44 19.28 -15.30
N CYS A 288 17.36 18.33 -15.15
CA CYS A 288 18.50 18.20 -16.03
C CYS A 288 18.29 17.14 -17.10
N PRO A 289 19.10 17.16 -18.16
CA PRO A 289 18.91 16.20 -19.27
C PRO A 289 19.19 14.75 -18.90
N GLU A 290 18.66 13.86 -19.72
CA GLU A 290 19.07 12.45 -19.70
C GLU A 290 20.57 12.35 -19.93
N ILE A 291 21.24 11.51 -19.15
CA ILE A 291 22.62 11.14 -19.44
C ILE A 291 22.78 9.65 -19.17
N ARG A 292 23.86 9.06 -19.68
CA ARG A 292 24.15 7.66 -19.41
C ARG A 292 25.66 7.49 -19.39
N THR A 293 26.26 7.78 -18.23
CA THR A 293 27.71 7.71 -18.10
C THR A 293 28.17 6.26 -17.98
N ASN A 294 27.24 5.37 -17.60
CA ASN A 294 27.52 3.94 -17.57
C ASN A 294 26.56 3.18 -18.48
N SER A 295 26.98 2.92 -19.71
CA SER A 295 26.08 2.26 -20.66
C SER A 295 25.96 0.76 -20.42
N SER A 296 26.57 0.28 -19.34
CA SER A 296 26.40 -1.11 -18.92
C SER A 296 25.28 -1.20 -17.89
N ASP A 297 24.69 -0.06 -17.51
CA ASP A 297 23.62 -0.09 -16.52
C ASP A 297 22.32 -0.60 -17.13
N ILE A 298 21.28 -0.63 -16.32
CA ILE A 298 20.05 -1.32 -16.70
C ILE A 298 19.13 -0.45 -17.57
N PHE A 299 19.43 0.85 -17.63
CA PHE A 299 18.48 1.80 -18.22
C PHE A 299 18.67 1.92 -19.73
N VAL A 300 18.51 0.79 -20.42
CA VAL A 300 18.68 0.73 -21.86
C VAL A 300 17.70 1.67 -22.55
N GLY A 301 18.20 2.61 -23.34
CA GLY A 301 17.33 3.51 -24.04
C GLY A 301 17.32 4.95 -23.54
N VAL A 302 17.75 5.19 -22.30
CA VAL A 302 17.77 6.56 -21.79
C VAL A 302 18.68 7.43 -22.69
N GLU A 303 19.74 6.81 -23.19
CA GLU A 303 20.74 7.52 -23.96
C GLU A 303 20.22 8.01 -25.31
N LEU A 304 19.11 7.42 -25.76
CA LEU A 304 18.52 7.84 -27.02
C LEU A 304 18.13 9.31 -26.99
N SER A 305 17.83 9.83 -25.80
CA SER A 305 17.41 11.22 -25.72
C SER A 305 18.58 12.18 -25.94
N LEU A 306 19.79 11.69 -25.78
CA LEU A 306 20.99 12.52 -25.82
C LEU A 306 21.44 12.94 -27.22
N PHE A 307 21.26 12.06 -28.20
CA PHE A 307 21.87 12.25 -29.50
C PHE A 307 21.56 13.61 -30.18
N PRO A 308 20.30 14.10 -30.08
CA PRO A 308 20.03 15.39 -30.73
C PRO A 308 20.81 16.57 -30.17
N LEU A 309 21.50 16.37 -29.04
CA LEU A 309 22.38 17.42 -28.54
C LEU A 309 23.39 17.83 -29.61
N LEU A 310 23.80 16.88 -30.46
CA LEU A 310 24.74 17.21 -31.53
C LEU A 310 24.19 18.33 -32.41
N LYS A 311 22.94 18.20 -32.79
CA LYS A 311 22.32 19.21 -33.65
C LYS A 311 22.21 20.52 -32.90
N ALA A 312 21.94 20.42 -31.59
CA ALA A 312 21.81 21.61 -30.77
C ALA A 312 23.13 22.37 -30.76
N LEU A 313 24.24 21.62 -30.71
CA LEU A 313 25.54 22.30 -30.65
C LEU A 313 25.74 23.11 -31.93
N LYS A 314 25.23 22.61 -33.05
CA LYS A 314 25.41 23.36 -34.28
C LYS A 314 24.42 24.52 -34.33
N LYS A 315 23.23 24.30 -33.80
CA LYS A 315 22.15 25.27 -33.91
C LYS A 315 22.42 26.54 -33.10
N GLU A 316 22.98 26.37 -31.91
CA GLU A 316 23.15 27.48 -30.98
C GLU A 316 24.48 28.21 -31.19
N ASN A 317 24.63 28.80 -32.38
CA ASN A 317 25.84 29.50 -32.78
C ASN A 317 27.09 28.63 -32.63
N GLY A 318 26.99 27.39 -33.10
CA GLY A 318 28.15 26.50 -33.04
C GLY A 318 29.24 26.95 -33.99
N GLY A 319 30.47 26.68 -33.60
CA GLY A 319 31.62 26.97 -34.44
C GLY A 319 32.57 25.82 -34.48
N ALA A 320 33.87 26.12 -34.42
CA ALA A 320 34.90 25.10 -34.52
C ALA A 320 34.78 24.03 -33.43
N TRP A 321 34.49 24.42 -32.20
CA TRP A 321 34.46 23.43 -31.14
C TRP A 321 33.30 22.44 -31.32
N ALA A 322 32.13 22.95 -31.72
CA ALA A 322 30.97 22.09 -31.97
C ALA A 322 31.31 21.09 -33.08
N GLU A 323 31.97 21.59 -34.13
CA GLU A 323 32.35 20.72 -35.23
C GLU A 323 33.34 19.66 -34.74
N ALA A 324 34.21 20.04 -33.81
CA ALA A 324 35.14 19.11 -33.22
C ALA A 324 34.41 18.02 -32.43
N GLN A 325 33.26 18.36 -31.83
CA GLN A 325 32.48 17.34 -31.11
C GLN A 325 31.88 16.35 -32.10
N TRP A 326 31.40 16.87 -33.23
CA TRP A 326 30.92 16.00 -34.31
C TRP A 326 32.03 15.06 -34.78
N GLN A 327 33.23 15.60 -34.98
CA GLN A 327 34.38 14.77 -35.37
C GLN A 327 34.67 13.67 -34.34
N ALA A 328 34.63 14.06 -33.06
CA ALA A 328 34.88 13.11 -31.98
C ALA A 328 33.87 11.98 -32.01
N CYS A 329 32.62 12.32 -32.31
CA CYS A 329 31.56 11.30 -32.37
C CYS A 329 31.64 10.45 -33.62
N ARG A 330 32.14 11.01 -34.72
CA ARG A 330 32.37 10.19 -35.91
C ARG A 330 33.45 9.14 -35.63
N GLU A 331 34.47 9.54 -34.88
CA GLU A 331 35.65 8.68 -34.71
C GLU A 331 35.36 7.36 -33.95
N VAL A 332 34.34 7.34 -33.11
CA VAL A 332 34.04 6.12 -32.35
C VAL A 332 33.14 5.15 -33.12
N LEU A 333 32.65 5.55 -34.28
CA LEU A 333 31.82 4.65 -35.07
C LEU A 333 32.65 3.74 -35.97
N SER A 334 32.15 2.55 -36.20
CA SER A 334 32.82 1.53 -37.01
C SER A 334 32.97 1.97 -38.46
N GLU A 335 33.89 1.31 -39.16
CA GLU A 335 34.09 1.53 -40.58
C GLU A 335 32.78 1.16 -41.27
N GLY A 336 32.30 2.04 -42.13
CA GLY A 336 31.05 1.81 -42.82
C GLY A 336 29.85 2.52 -42.22
N HIS A 337 30.00 3.03 -41.00
CA HIS A 337 28.90 3.75 -40.34
C HIS A 337 29.11 5.26 -40.30
N THR A 338 28.05 6.00 -40.62
CA THR A 338 28.08 7.47 -40.53
C THR A 338 27.33 8.00 -39.31
N LEU A 339 27.76 9.17 -38.81
CA LEU A 339 27.07 9.82 -37.72
C LEU A 339 25.68 10.26 -38.17
N GLU A 340 25.60 10.67 -39.45
CA GLU A 340 24.32 11.10 -40.00
C GLU A 340 23.28 9.98 -39.96
N SER A 341 23.68 8.75 -40.24
CA SER A 341 22.75 7.61 -40.22
C SER A 341 22.24 7.34 -38.80
N LEU A 342 23.11 7.53 -37.82
CA LEU A 342 22.72 7.40 -36.42
C LEU A 342 21.65 8.41 -36.08
N LEU A 343 21.94 9.67 -36.41
CA LEU A 343 21.00 10.75 -36.15
C LEU A 343 19.68 10.52 -36.90
N GLN A 344 19.78 9.92 -38.09
CA GLN A 344 18.62 9.52 -38.88
C GLN A 344 17.77 8.50 -38.13
N LYS A 345 18.43 7.53 -37.52
CA LYS A 345 17.73 6.53 -36.70
C LYS A 345 16.96 7.22 -35.58
N ILE A 346 17.57 8.23 -34.96
CA ILE A 346 16.90 8.94 -33.88
C ILE A 346 15.72 9.79 -34.40
N ASP A 347 15.88 10.36 -35.60
CA ASP A 347 14.78 11.08 -36.23
C ASP A 347 13.58 10.15 -36.39
N ASP A 348 13.84 8.97 -36.94
CA ASP A 348 12.79 7.97 -37.14
C ASP A 348 12.18 7.53 -35.82
N TYR A 349 13.02 7.45 -34.78
CA TYR A 349 12.56 7.07 -33.45
C TYR A 349 11.54 8.07 -32.92
N ASN A 350 11.90 9.35 -32.92
CA ASN A 350 11.01 10.36 -32.41
C ASN A 350 9.82 10.63 -33.33
N ALA A 351 9.92 10.20 -34.59
CA ALA A 351 8.82 10.40 -35.54
C ALA A 351 7.77 9.30 -35.43
N SER A 352 8.11 8.21 -34.74
CA SER A 352 7.22 7.07 -34.64
C SER A 352 5.98 7.38 -33.81
N ASP A 353 4.87 6.73 -34.14
CA ASP A 353 3.64 6.92 -33.39
C ASP A 353 3.79 6.45 -31.94
N VAL A 354 4.46 5.32 -31.78
CA VAL A 354 4.70 4.73 -30.46
C VAL A 354 5.40 5.73 -29.54
N MET A 355 6.48 6.34 -30.03
CA MET A 355 7.21 7.29 -29.19
C MET A 355 6.46 8.62 -29.01
N LYS A 356 5.69 9.00 -30.02
CA LYS A 356 4.93 10.23 -29.93
C LYS A 356 3.89 10.11 -28.81
N GLY A 357 3.39 8.89 -28.61
CA GLY A 357 2.42 8.65 -27.56
C GLY A 357 2.97 8.91 -26.16
N PHE A 358 4.30 8.83 -26.02
CA PHE A 358 4.92 9.03 -24.71
C PHE A 358 5.32 10.48 -24.43
N ARG A 359 5.05 11.37 -25.39
CA ARG A 359 5.29 12.79 -25.16
C ARG A 359 4.11 13.42 -24.42
N ASN A 360 3.48 12.64 -23.54
CA ASN A 360 2.34 13.08 -22.75
C ASN A 360 2.81 13.59 -21.40
N PHE A 361 2.86 14.91 -21.23
CA PHE A 361 3.42 15.52 -20.02
C PHE A 361 2.56 15.28 -18.78
N GLU A 362 1.24 15.35 -18.94
CA GLU A 362 0.35 15.23 -17.78
C GLU A 362 0.36 13.82 -17.19
N ALA A 363 0.57 12.83 -18.05
CA ALA A 363 0.53 11.42 -17.65
C ALA A 363 1.88 10.96 -17.09
N TRP A 364 2.87 11.84 -17.13
CA TRP A 364 4.23 11.51 -16.72
C TRP A 364 4.32 11.22 -15.22
N PRO A 365 5.04 10.15 -14.83
CA PRO A 365 5.67 9.17 -15.70
C PRO A 365 4.70 8.08 -16.14
N MET A 366 4.72 7.73 -17.42
CA MET A 366 3.81 6.73 -17.95
C MET A 366 4.34 5.33 -17.75
N PRO A 367 3.45 4.32 -17.75
CA PRO A 367 3.91 2.93 -17.76
C PRO A 367 4.58 2.58 -19.07
N ASN A 368 5.54 1.66 -19.04
CA ASN A 368 6.11 1.13 -20.27
C ASN A 368 5.09 0.25 -20.98
N THR A 369 5.34 -0.04 -22.26
CA THR A 369 4.50 -0.95 -23.03
C THR A 369 5.37 -1.91 -23.81
N ALA A 370 4.79 -3.00 -24.29
CA ALA A 370 5.54 -3.98 -25.08
C ALA A 370 6.10 -3.33 -26.34
N GLU A 371 5.31 -2.44 -26.94
CA GLU A 371 5.70 -1.72 -28.14
C GLU A 371 6.91 -0.82 -27.85
N LEU A 372 6.85 -0.14 -26.70
CA LEU A 372 7.95 0.71 -26.28
C LEU A 372 9.20 -0.12 -26.10
N ALA A 373 9.07 -1.27 -25.42
CA ALA A 373 10.21 -2.16 -25.22
C ALA A 373 10.83 -2.51 -26.57
N ASP A 374 9.99 -2.91 -27.52
CA ASP A 374 10.47 -3.26 -28.86
C ASP A 374 11.27 -2.15 -29.53
N ILE A 375 10.68 -0.96 -29.65
CA ILE A 375 11.32 0.07 -30.45
C ILE A 375 12.51 0.72 -29.71
N MET A 376 12.38 0.92 -28.41
CA MET A 376 13.44 1.57 -27.63
C MET A 376 14.65 0.63 -27.49
N ILE A 377 14.42 -0.61 -27.06
CA ILE A 377 15.55 -1.51 -26.87
C ILE A 377 16.15 -1.85 -28.22
N GLY A 378 15.31 -2.06 -29.22
CA GLY A 378 15.79 -2.33 -30.57
C GLY A 378 16.68 -1.22 -31.11
N THR A 379 16.22 0.02 -30.98
CA THR A 379 16.95 1.17 -31.50
C THR A 379 18.27 1.36 -30.75
N SER A 380 18.20 1.26 -29.42
CA SER A 380 19.39 1.37 -28.59
C SER A 380 20.45 0.34 -29.00
N ASP A 381 20.04 -0.91 -29.15
CA ASP A 381 20.97 -1.95 -29.57
C ASP A 381 21.55 -1.69 -30.96
N GLU A 382 20.70 -1.26 -31.89
CA GLU A 382 21.16 -0.97 -33.26
C GLU A 382 22.26 0.09 -33.23
N ILE A 383 22.05 1.14 -32.44
CA ILE A 383 23.05 2.19 -32.35
C ILE A 383 24.32 1.74 -31.62
N THR A 384 24.18 0.95 -30.56
CA THR A 384 25.36 0.43 -29.87
C THR A 384 26.24 -0.37 -30.84
N LYS A 385 25.61 -1.16 -31.70
CA LYS A 385 26.35 -2.00 -32.64
C LYS A 385 27.07 -1.22 -33.75
N MET A 386 26.79 0.09 -33.86
CA MET A 386 27.49 0.93 -34.83
C MET A 386 28.90 1.31 -34.40
N HIS A 387 29.28 0.98 -33.16
CA HIS A 387 30.53 1.47 -32.59
C HIS A 387 31.69 0.50 -32.73
N LYS A 388 32.91 1.03 -32.85
CA LYS A 388 34.12 0.19 -32.87
C LYS A 388 34.26 -0.62 -31.59
N SER A 389 34.07 0.05 -30.46
CA SER A 389 34.22 -0.58 -29.15
C SER A 389 33.16 0.01 -28.23
N ARG A 390 32.52 -0.85 -27.45
CA ARG A 390 31.38 -0.45 -26.65
C ARG A 390 31.78 0.28 -25.36
N ASP A 391 33.08 0.40 -25.12
CA ASP A 391 33.56 1.22 -24.00
C ASP A 391 33.87 2.65 -24.45
N ALA A 392 33.61 2.93 -25.73
CA ALA A 392 33.82 4.26 -26.27
C ALA A 392 32.67 4.63 -27.19
N LEU A 393 31.62 5.19 -26.58
CA LEU A 393 30.36 5.45 -27.26
C LEU A 393 30.13 6.93 -27.52
N VAL A 394 29.33 7.25 -28.54
CA VAL A 394 28.88 8.62 -28.77
C VAL A 394 28.22 9.16 -27.49
N THR A 395 27.48 8.31 -26.80
CA THR A 395 26.78 8.72 -25.58
C THR A 395 27.73 9.03 -24.42
N ASP A 396 28.94 8.47 -24.45
CA ASP A 396 29.96 8.83 -23.46
C ASP A 396 30.40 10.29 -23.67
N VAL A 397 30.67 10.63 -24.93
CA VAL A 397 31.05 11.99 -25.29
C VAL A 397 29.95 12.98 -24.92
N LEU A 398 28.72 12.67 -25.34
CA LEU A 398 27.62 13.59 -25.11
C LEU A 398 27.24 13.72 -23.63
N SER A 399 27.30 12.62 -22.88
CA SER A 399 27.01 12.69 -21.45
C SER A 399 28.03 13.59 -20.78
N ALA A 400 29.30 13.42 -21.16
CA ALA A 400 30.35 14.28 -20.61
C ALA A 400 30.09 15.75 -20.91
N LEU A 401 29.63 16.04 -22.13
CA LEU A 401 29.30 17.43 -22.47
C LEU A 401 28.17 17.99 -21.60
N VAL A 402 27.12 17.18 -21.40
CA VAL A 402 26.00 17.64 -20.58
C VAL A 402 26.46 17.94 -19.15
N LEU A 403 27.27 17.05 -18.58
CA LEU A 403 27.80 17.30 -17.22
C LEU A 403 28.57 18.62 -17.18
N GLU A 404 29.43 18.79 -18.19
CA GLU A 404 30.30 19.96 -18.32
C GLU A 404 29.50 21.26 -18.38
N GLY A 405 28.42 21.26 -19.15
CA GLY A 405 27.61 22.44 -19.31
C GLY A 405 26.72 22.73 -18.11
N THR A 406 26.26 21.68 -17.46
CA THR A 406 25.26 21.81 -16.41
C THR A 406 25.88 22.40 -15.14
N GLY A 407 27.15 22.07 -14.85
CA GLY A 407 27.81 22.65 -13.69
C GLY A 407 27.71 24.19 -13.55
N PRO A 408 28.28 24.92 -14.53
CA PRO A 408 28.23 26.38 -14.49
C PRO A 408 26.81 26.94 -14.60
N LEU A 409 25.93 26.27 -15.35
CA LEU A 409 24.53 26.72 -15.45
C LEU A 409 23.89 26.78 -14.07
N MET A 410 23.97 25.69 -13.32
CA MET A 410 23.36 25.64 -12.01
C MET A 410 24.08 26.57 -11.03
N PHE A 411 25.41 26.55 -11.08
CA PHE A 411 26.15 27.36 -10.13
C PHE A 411 25.83 28.83 -10.27
N HIS A 412 25.75 29.31 -11.51
CA HIS A 412 25.53 30.73 -11.74
C HIS A 412 24.06 31.11 -11.63
N GLU A 413 23.16 30.24 -12.10
CA GLU A 413 21.75 30.53 -12.00
C GLU A 413 21.37 30.63 -10.53
N SER A 414 22.01 29.82 -9.69
CA SER A 414 21.70 29.87 -8.27
C SER A 414 22.08 31.19 -7.60
N SER A 415 22.98 31.96 -8.20
CA SER A 415 23.28 33.28 -7.63
C SER A 415 22.05 34.19 -7.71
N ASN A 416 21.29 34.06 -8.79
CA ASN A 416 20.08 34.84 -9.01
C ASN A 416 19.02 34.02 -9.73
N PRO A 417 18.39 33.09 -9.00
CA PRO A 417 17.51 32.10 -9.65
C PRO A 417 16.18 32.67 -10.12
N ALA A 418 15.77 32.23 -11.31
CA ALA A 418 14.53 32.72 -11.92
C ALA A 418 13.28 32.17 -11.24
N GLY A 419 13.41 31.02 -10.57
CA GLY A 419 12.26 30.37 -9.96
C GLY A 419 12.63 29.10 -9.22
N PRO A 420 11.64 28.44 -8.60
CA PRO A 420 11.84 27.21 -7.82
C PRO A 420 12.03 25.94 -8.66
N VAL A 421 11.56 25.93 -9.90
CA VAL A 421 11.71 24.76 -10.77
C VAL A 421 12.09 25.20 -12.18
N LEU A 422 13.24 24.75 -12.65
CA LEU A 422 13.78 25.20 -13.93
C LEU A 422 14.29 24.04 -14.73
N TRP A 423 13.87 23.96 -15.99
CA TRP A 423 14.40 22.94 -16.89
C TRP A 423 15.67 23.41 -17.57
N LEU A 424 16.70 22.56 -17.54
CA LEU A 424 17.90 22.78 -18.33
C LEU A 424 17.86 21.81 -19.50
N SER A 425 17.37 22.26 -20.65
CA SER A 425 17.26 21.39 -21.81
C SER A 425 18.42 21.62 -22.78
N HIS A 426 18.39 20.93 -23.92
CA HIS A 426 19.52 20.95 -24.84
C HIS A 426 19.84 22.35 -25.38
N ASP A 427 18.85 23.22 -25.48
CA ASP A 427 19.10 24.57 -25.99
C ASP A 427 20.09 25.36 -25.11
N VAL A 428 19.79 25.44 -23.82
CA VAL A 428 20.61 26.26 -22.93
C VAL A 428 21.93 25.56 -22.62
N ILE A 429 21.92 24.22 -22.61
CA ILE A 429 23.15 23.45 -22.49
C ILE A 429 24.10 23.75 -23.66
N ALA A 430 23.57 23.72 -24.88
CA ALA A 430 24.36 24.03 -26.06
C ALA A 430 24.87 25.47 -26.05
N LYS A 431 24.02 26.40 -25.66
CA LYS A 431 24.44 27.80 -25.51
C LYS A 431 25.62 27.93 -24.54
N GLN A 432 25.48 27.31 -23.38
CA GLN A 432 26.53 27.35 -22.37
C GLN A 432 27.82 26.74 -22.88
N LEU A 433 27.73 25.57 -23.52
CA LEU A 433 28.92 24.89 -24.00
C LEU A 433 29.64 25.67 -25.09
N ASN A 434 28.88 26.23 -26.03
CA ASN A 434 29.47 26.98 -27.12
C ASN A 434 30.10 28.27 -26.60
N LEU A 435 29.48 28.87 -25.58
CA LEU A 435 30.07 30.03 -24.90
C LEU A 435 31.39 29.69 -24.21
N MET A 436 31.40 28.60 -23.43
CA MET A 436 32.60 28.16 -22.73
C MET A 436 33.78 27.89 -23.65
N HIS A 437 33.50 27.47 -24.88
CA HIS A 437 34.56 27.08 -25.81
C HIS A 437 34.71 28.03 -26.99
N ARG A 438 34.29 29.27 -26.80
CA ARG A 438 34.28 30.25 -27.89
C ARG A 438 35.68 30.60 -28.40
N LEU A 439 36.69 30.33 -27.58
CA LEU A 439 38.08 30.60 -27.98
C LEU A 439 38.86 29.36 -28.40
N GLU A 440 38.21 28.20 -28.38
CA GLU A 440 38.86 26.97 -28.84
C GLU A 440 38.46 26.64 -30.28
N MET B 1 -8.34 -6.74 -12.53
CA MET B 1 -7.22 -5.79 -12.49
C MET B 1 -6.88 -5.45 -11.04
N LYS B 2 -5.62 -5.13 -10.79
CA LYS B 2 -5.17 -4.89 -9.42
C LYS B 2 -5.27 -3.42 -9.03
N SER B 3 -5.58 -2.57 -10.00
CA SER B 3 -5.77 -1.16 -9.72
C SER B 3 -6.66 -0.53 -10.77
N PRO B 4 -7.27 0.63 -10.45
CA PRO B 4 -8.07 1.34 -11.45
C PRO B 4 -7.27 1.64 -12.71
N ILE B 5 -7.94 1.63 -13.85
CA ILE B 5 -7.34 1.97 -15.13
C ILE B 5 -7.99 3.26 -15.61
N PRO B 6 -7.39 4.40 -15.27
CA PRO B 6 -8.03 5.70 -15.48
C PRO B 6 -7.97 6.18 -16.93
N LEU B 7 -9.06 6.82 -17.37
CA LEU B 7 -9.02 7.65 -18.56
C LEU B 7 -8.70 9.08 -18.11
N ARG B 8 -7.57 9.60 -18.56
CA ARG B 8 -7.11 10.92 -18.11
C ARG B 8 -7.38 12.03 -19.11
N ASP B 9 -7.28 11.71 -20.40
CA ASP B 9 -7.39 12.71 -21.46
C ASP B 9 -8.77 12.72 -22.11
N VAL B 10 -9.23 13.91 -22.43
CA VAL B 10 -10.50 14.06 -23.13
C VAL B 10 -10.34 13.56 -24.56
N PRO B 11 -11.16 12.58 -24.96
CA PRO B 11 -11.11 12.10 -26.34
C PRO B 11 -11.57 13.16 -27.32
N GLN B 12 -11.00 13.19 -28.53
CA GLN B 12 -11.39 14.21 -29.49
C GLN B 12 -11.58 13.66 -30.91
N SER B 13 -11.69 12.35 -31.02
CA SER B 13 -12.05 11.76 -32.31
C SER B 13 -13.50 11.27 -32.30
N ASN B 14 -14.12 11.29 -33.47
CA ASN B 14 -15.47 10.78 -33.66
C ASN B 14 -15.56 10.15 -35.03
N ILE B 15 -15.86 8.86 -35.09
CA ILE B 15 -15.98 8.17 -36.37
C ILE B 15 -17.42 8.04 -36.86
N PHE B 16 -18.38 8.35 -35.98
CA PHE B 16 -19.78 8.10 -36.29
C PHE B 16 -20.44 9.21 -37.10
N ARG B 17 -21.29 8.82 -38.04
CA ARG B 17 -21.90 9.73 -39.01
C ARG B 17 -23.36 9.41 -39.27
N LYS B 18 -23.98 10.25 -40.09
CA LYS B 18 -25.30 9.95 -40.63
C LYS B 18 -25.28 8.56 -41.27
N GLY B 19 -26.25 7.72 -40.90
CA GLY B 19 -26.32 6.38 -41.43
C GLY B 19 -25.77 5.32 -40.50
N ASP B 20 -24.83 5.71 -39.63
CA ASP B 20 -24.34 4.78 -38.62
C ASP B 20 -25.43 4.53 -37.59
N VAL B 21 -25.38 3.36 -36.93
CA VAL B 21 -26.49 2.94 -36.10
C VAL B 21 -26.08 2.76 -34.64
N PHE B 22 -26.81 3.42 -33.76
CA PHE B 22 -26.62 3.32 -32.32
C PHE B 22 -27.71 2.42 -31.75
N VAL B 23 -27.31 1.35 -31.07
CA VAL B 23 -28.28 0.40 -30.54
C VAL B 23 -28.27 0.43 -29.01
N LEU B 24 -29.38 0.81 -28.40
CA LEU B 24 -29.49 0.80 -26.94
C LEU B 24 -29.89 -0.59 -26.48
N PHE B 25 -28.95 -1.31 -25.88
CA PHE B 25 -29.25 -2.64 -25.37
C PHE B 25 -29.67 -2.51 -23.92
N GLY B 26 -30.93 -2.10 -23.75
CA GLY B 26 -31.50 -1.75 -22.48
C GLY B 26 -32.69 -0.87 -22.81
N GLU B 27 -33.59 -0.67 -21.85
CA GLU B 27 -34.70 0.27 -22.07
C GLU B 27 -34.64 1.45 -21.12
N LEU B 28 -34.88 2.65 -21.65
CA LEU B 28 -34.90 3.88 -20.87
C LEU B 28 -36.13 4.00 -19.98
N PHE B 29 -35.91 4.18 -18.69
CA PHE B 29 -36.97 4.46 -17.74
C PHE B 29 -36.53 5.57 -16.81
N GLY B 30 -36.99 6.78 -17.08
CA GLY B 30 -36.55 7.93 -16.32
C GLY B 30 -35.17 8.32 -16.81
N ARG B 31 -34.71 9.50 -16.40
CA ARG B 31 -33.43 9.99 -16.89
C ARG B 31 -32.26 9.48 -16.05
N GLY B 32 -31.17 9.17 -16.75
CA GLY B 32 -29.95 8.72 -16.11
C GLY B 32 -28.79 8.83 -17.07
N TYR B 33 -27.76 8.01 -16.88
CA TYR B 33 -26.55 8.09 -17.69
C TYR B 33 -26.82 7.91 -19.17
N ALA B 34 -27.66 6.94 -19.51
CA ALA B 34 -27.84 6.58 -20.92
C ALA B 34 -28.39 7.72 -21.76
N ASN B 35 -29.20 8.59 -21.16
CA ASN B 35 -29.80 9.69 -21.91
C ASN B 35 -28.76 10.58 -22.61
N GLY B 36 -27.70 10.93 -21.89
CA GLY B 36 -26.65 11.77 -22.44
C GLY B 36 -25.91 11.12 -23.58
N LEU B 37 -25.65 9.82 -23.43
CA LEU B 37 -24.97 9.07 -24.49
C LEU B 37 -25.82 9.00 -25.75
N ILE B 38 -27.11 8.70 -25.57
CA ILE B 38 -28.04 8.67 -26.70
C ILE B 38 -28.08 10.04 -27.36
N ASN B 39 -28.11 11.11 -26.56
CA ASN B 39 -28.09 12.45 -27.13
C ASN B 39 -26.85 12.72 -27.98
N GLU B 40 -25.69 12.26 -27.52
CA GLU B 40 -24.46 12.39 -28.29
C GLU B 40 -24.59 11.66 -29.62
N ALA B 41 -25.13 10.45 -29.58
CA ALA B 41 -25.30 9.66 -30.80
C ALA B 41 -26.21 10.37 -31.79
N ARG B 42 -27.34 10.88 -31.28
CA ARG B 42 -28.32 11.57 -32.12
C ARG B 42 -27.74 12.83 -32.75
N ASP B 43 -27.01 13.60 -31.96
CA ASP B 43 -26.38 14.83 -32.45
C ASP B 43 -25.30 14.56 -33.50
N ALA B 44 -24.71 13.37 -33.44
CA ALA B 44 -23.72 12.96 -34.44
C ALA B 44 -24.38 12.49 -35.73
N GLY B 45 -25.71 12.44 -35.73
CA GLY B 45 -26.46 12.04 -36.92
C GLY B 45 -26.81 10.56 -36.99
N MET B 46 -26.52 9.82 -35.94
CA MET B 46 -26.76 8.38 -35.96
C MET B 46 -28.24 8.01 -35.90
N THR B 47 -28.57 6.88 -36.51
CA THR B 47 -29.90 6.29 -36.38
C THR B 47 -29.96 5.57 -35.04
N ILE B 48 -30.98 5.88 -34.25
CA ILE B 48 -31.13 5.27 -32.92
C ILE B 48 -32.10 4.09 -32.95
N VAL B 49 -31.65 2.93 -32.51
CA VAL B 49 -32.51 1.76 -32.39
C VAL B 49 -32.40 1.22 -30.98
N GLY B 50 -33.50 0.75 -30.42
CA GLY B 50 -33.49 0.24 -29.06
C GLY B 50 -34.25 -1.05 -28.87
N ILE B 51 -34.01 -1.71 -27.73
CA ILE B 51 -34.79 -2.88 -27.38
C ILE B 51 -35.82 -2.50 -26.33
N THR B 52 -36.70 -3.46 -26.00
CA THR B 52 -37.59 -3.30 -24.88
C THR B 52 -37.44 -4.50 -23.95
N VAL B 53 -37.61 -4.27 -22.65
CA VAL B 53 -37.56 -5.36 -21.69
C VAL B 53 -38.93 -6.00 -21.54
N GLY B 54 -39.93 -5.38 -22.17
CA GLY B 54 -41.30 -5.88 -22.13
C GLY B 54 -42.03 -5.47 -20.87
N ARG B 55 -43.26 -5.94 -20.73
CA ARG B 55 -44.04 -5.69 -19.52
C ARG B 55 -44.64 -6.99 -19.01
N ARG B 56 -45.44 -6.91 -17.95
CA ARG B 56 -46.11 -8.08 -17.40
C ARG B 56 -47.60 -7.84 -17.22
N ASN B 60 -47.89 -10.78 -14.21
CA ASN B 60 -47.68 -12.23 -14.11
C ASN B 60 -46.83 -12.76 -15.25
N ALA B 61 -47.41 -12.84 -16.45
CA ALA B 61 -46.70 -13.36 -17.62
C ALA B 61 -45.96 -12.28 -18.41
N LEU B 62 -44.81 -12.64 -18.96
CA LEU B 62 -44.02 -11.72 -19.78
C LEU B 62 -44.66 -11.55 -21.15
N ARG B 63 -44.72 -10.30 -21.63
CA ARG B 63 -45.26 -10.02 -22.96
C ARG B 63 -44.50 -8.88 -23.65
N ALA B 64 -44.72 -8.75 -24.95
CA ALA B 64 -44.18 -7.63 -25.71
C ALA B 64 -45.01 -6.37 -25.44
N LEU B 65 -44.55 -5.24 -25.97
CA LEU B 65 -45.25 -3.97 -25.78
C LEU B 65 -46.51 -3.94 -26.65
N THR B 66 -47.51 -3.18 -26.21
CA THR B 66 -48.68 -2.93 -27.02
C THR B 66 -48.30 -1.87 -28.04
N ALA B 67 -49.14 -1.67 -29.05
CA ALA B 67 -48.91 -0.64 -30.05
C ALA B 67 -48.84 0.73 -29.39
N GLU B 68 -49.44 0.84 -28.21
CA GLU B 68 -49.54 2.09 -27.47
C GLU B 68 -48.28 2.42 -26.67
N GLU B 69 -47.81 1.44 -25.89
CA GLU B 69 -46.59 1.57 -25.10
C GLU B 69 -45.37 1.87 -25.98
N LEU B 70 -45.34 1.20 -27.11
CA LEU B 70 -44.27 1.31 -28.09
C LEU B 70 -44.06 2.75 -28.58
N ALA B 71 -45.14 3.45 -28.91
CA ALA B 71 -45.03 4.83 -29.39
C ALA B 71 -44.39 5.75 -28.36
N THR B 72 -44.74 5.57 -27.09
CA THR B 72 -44.20 6.39 -26.02
C THR B 72 -42.72 6.09 -25.82
N ALA B 73 -42.40 4.81 -25.81
CA ALA B 73 -41.00 4.39 -25.64
C ALA B 73 -40.12 4.88 -26.79
N GLU B 74 -40.60 4.73 -28.01
CA GLU B 74 -39.86 5.17 -29.20
C GLU B 74 -39.70 6.69 -29.22
N ALA B 75 -40.73 7.38 -28.74
CA ALA B 75 -40.67 8.84 -28.63
C ALA B 75 -39.62 9.27 -27.61
N ASN B 76 -39.59 8.60 -26.47
CA ASN B 76 -38.59 8.91 -25.44
C ASN B 76 -37.19 8.62 -25.93
N LEU B 77 -37.04 7.52 -26.66
CA LEU B 77 -35.73 7.10 -27.14
C LEU B 77 -35.25 7.99 -28.28
N GLY B 78 -36.19 8.38 -29.14
CA GLY B 78 -35.86 9.10 -30.35
C GLY B 78 -35.42 8.14 -31.44
N GLY B 79 -36.01 6.96 -31.43
CA GLY B 79 -35.70 5.94 -32.41
C GLY B 79 -36.64 4.76 -32.36
N ARG B 80 -36.48 3.85 -33.31
CA ARG B 80 -37.32 2.67 -33.40
C ARG B 80 -36.95 1.66 -32.31
N ILE B 81 -37.96 1.01 -31.76
CA ILE B 81 -37.74 -0.05 -30.78
C ILE B 81 -38.25 -1.39 -31.31
N ILE B 82 -37.39 -2.39 -31.26
CA ILE B 82 -37.75 -3.73 -31.68
C ILE B 82 -38.56 -4.39 -30.57
N ASN B 83 -39.83 -4.68 -30.89
CA ASN B 83 -40.79 -5.08 -29.87
C ASN B 83 -40.73 -6.57 -29.53
N VAL B 84 -39.61 -6.95 -28.92
CA VAL B 84 -39.39 -8.30 -28.40
C VAL B 84 -38.94 -8.21 -26.94
N PRO B 85 -39.72 -8.79 -26.02
CA PRO B 85 -39.47 -8.60 -24.58
C PRO B 85 -38.16 -9.22 -24.09
N LEU B 86 -37.11 -8.40 -23.97
CA LEU B 86 -35.82 -8.88 -23.52
C LEU B 86 -35.67 -8.68 -22.02
N MET B 87 -36.38 -9.51 -21.24
CA MET B 87 -36.30 -9.41 -19.79
C MET B 87 -35.15 -10.27 -19.27
N ALA B 88 -34.16 -9.62 -18.67
CA ALA B 88 -33.00 -10.33 -18.17
C ALA B 88 -33.33 -10.95 -16.82
N GLY B 89 -32.51 -11.92 -16.40
CA GLY B 89 -32.72 -12.58 -15.13
C GLY B 89 -33.61 -13.79 -15.25
N PHE B 90 -33.71 -14.55 -14.17
CA PHE B 90 -34.49 -15.78 -14.18
C PHE B 90 -35.40 -15.92 -12.96
N ASP B 91 -35.55 -14.84 -12.21
CA ASP B 91 -36.31 -14.87 -10.96
C ASP B 91 -37.81 -15.16 -11.16
N LEU B 92 -38.30 -14.99 -12.38
CA LEU B 92 -39.70 -15.31 -12.67
C LEU B 92 -39.82 -16.32 -13.80
N ASP B 93 -38.78 -17.13 -13.96
CA ASP B 93 -38.79 -18.21 -14.94
C ASP B 93 -38.90 -19.57 -14.25
N ALA B 94 -39.54 -20.53 -14.91
CA ALA B 94 -39.67 -21.88 -14.39
C ALA B 94 -40.19 -22.82 -15.47
N PRO B 95 -39.85 -24.11 -15.38
CA PRO B 95 -40.50 -25.10 -16.24
C PRO B 95 -42.01 -25.09 -16.02
N ALA B 96 -42.77 -25.40 -17.06
CA ALA B 96 -44.23 -25.35 -17.04
C ALA B 96 -44.86 -25.90 -15.76
N GLY B 97 -45.65 -25.06 -15.11
CA GLY B 97 -46.42 -25.46 -13.94
C GLY B 97 -45.64 -25.54 -12.64
N GLU B 98 -44.34 -25.23 -12.70
CA GLU B 98 -43.50 -25.30 -11.50
C GLU B 98 -43.23 -23.92 -10.93
N PRO B 99 -42.93 -23.85 -9.62
CA PRO B 99 -42.61 -22.60 -8.93
C PRO B 99 -41.40 -21.85 -9.48
N THR B 100 -41.54 -20.54 -9.65
CA THR B 100 -40.41 -19.67 -9.97
C THR B 100 -39.52 -19.51 -8.74
N PRO B 101 -38.26 -19.07 -8.92
CA PRO B 101 -37.42 -18.72 -7.78
C PRO B 101 -38.10 -17.72 -6.85
N THR B 102 -38.88 -16.81 -7.41
CA THR B 102 -39.66 -15.86 -6.61
C THR B 102 -40.68 -16.60 -5.75
N ASP B 103 -41.33 -17.61 -6.34
CA ASP B 103 -42.27 -18.45 -5.60
C ASP B 103 -41.60 -19.14 -4.42
N LEU B 104 -40.36 -19.58 -4.61
CA LEU B 104 -39.61 -20.25 -3.56
C LEU B 104 -39.25 -19.33 -2.39
N LEU B 105 -39.43 -18.03 -2.57
CA LEU B 105 -39.14 -17.06 -1.53
C LEU B 105 -40.40 -16.62 -0.80
N ALA B 106 -41.56 -17.05 -1.30
CA ALA B 106 -42.86 -16.58 -0.83
C ALA B 106 -43.08 -16.79 0.66
N ASP B 107 -42.51 -17.85 1.21
CA ASP B 107 -42.77 -18.20 2.60
C ASP B 107 -41.69 -17.68 3.54
N MET B 108 -40.72 -16.94 3.00
CA MET B 108 -39.69 -16.35 3.84
C MET B 108 -40.26 -15.22 4.69
N THR B 109 -39.92 -15.23 5.97
CA THR B 109 -40.38 -14.20 6.89
C THR B 109 -39.19 -13.50 7.53
N LEU B 110 -39.48 -12.49 8.35
CA LEU B 110 -38.45 -11.75 9.08
C LEU B 110 -37.55 -12.69 9.88
N LYS B 111 -38.14 -13.69 10.53
CA LYS B 111 -37.38 -14.57 11.40
C LYS B 111 -36.77 -15.77 10.67
N SER B 112 -37.32 -16.12 9.51
CA SER B 112 -36.88 -17.34 8.83
C SER B 112 -35.88 -17.12 7.69
N TRP B 113 -35.85 -15.93 7.10
CA TRP B 113 -35.11 -15.75 5.83
C TRP B 113 -33.62 -16.07 5.93
N GLN B 114 -33.02 -15.78 7.06
CA GLN B 114 -31.58 -15.95 7.19
C GLN B 114 -31.22 -17.44 7.24
N ASP B 115 -32.10 -18.25 7.81
CA ASP B 115 -31.85 -19.69 7.93
C ASP B 115 -32.54 -20.53 6.86
N ASP B 116 -33.43 -19.91 6.08
CA ASP B 116 -34.10 -20.64 5.01
C ASP B 116 -33.13 -21.10 3.94
N LYS B 117 -33.27 -22.35 3.52
CA LYS B 117 -32.42 -22.93 2.47
C LYS B 117 -33.24 -23.22 1.22
N LEU B 118 -32.62 -23.08 0.06
CA LEU B 118 -33.32 -23.25 -1.22
C LEU B 118 -32.90 -24.50 -1.98
N ASP B 119 -33.82 -25.01 -2.79
CA ASP B 119 -33.55 -26.13 -3.69
C ASP B 119 -32.78 -25.63 -4.89
N TRP B 120 -31.46 -25.74 -4.83
CA TRP B 120 -30.59 -25.17 -5.85
C TRP B 120 -30.71 -25.91 -7.19
N ALA B 121 -31.16 -27.15 -7.15
CA ALA B 121 -31.40 -27.91 -8.39
C ALA B 121 -32.54 -27.28 -9.19
N HIS B 122 -33.64 -27.00 -8.49
CA HIS B 122 -34.80 -26.39 -9.13
C HIS B 122 -34.44 -24.99 -9.61
N ILE B 123 -33.74 -24.25 -8.76
CA ILE B 123 -33.27 -22.91 -9.12
C ILE B 123 -32.43 -22.95 -10.39
N GLU B 124 -31.54 -23.93 -10.49
CA GLU B 124 -30.73 -24.11 -11.69
C GLU B 124 -31.60 -24.35 -12.92
N LYS B 125 -32.60 -25.19 -12.78
CA LYS B 125 -33.47 -25.45 -13.94
C LYS B 125 -34.22 -24.17 -14.36
N CYS B 126 -34.63 -23.38 -13.38
CA CYS B 126 -35.28 -22.09 -13.65
C CYS B 126 -34.32 -21.16 -14.38
N ARG B 127 -33.05 -21.15 -13.95
CA ARG B 127 -32.05 -20.30 -14.59
C ARG B 127 -31.84 -20.74 -16.04
N ALA B 128 -31.83 -22.04 -16.28
CA ALA B 128 -31.67 -22.55 -17.64
C ALA B 128 -32.81 -22.07 -18.52
N VAL B 129 -34.03 -22.17 -18.00
CA VAL B 129 -35.20 -21.72 -18.76
C VAL B 129 -35.12 -20.21 -19.05
N GLY B 130 -34.79 -19.41 -18.04
CA GLY B 130 -34.69 -17.98 -18.21
C GLY B 130 -33.62 -17.53 -19.17
N VAL B 131 -32.45 -18.17 -19.07
CA VAL B 131 -31.32 -17.85 -19.94
C VAL B 131 -31.64 -18.20 -21.38
N GLN B 132 -32.26 -19.36 -21.60
CA GLN B 132 -32.62 -19.73 -22.95
C GLN B 132 -33.68 -18.76 -23.50
N ARG B 133 -34.60 -18.33 -22.65
CA ARG B 133 -35.62 -17.37 -23.09
C ARG B 133 -34.94 -16.09 -23.56
N PHE B 134 -34.01 -15.60 -22.76
CA PHE B 134 -33.33 -14.36 -23.09
C PHE B 134 -32.49 -14.48 -24.36
N LYS B 135 -31.77 -15.60 -24.49
CA LYS B 135 -30.94 -15.85 -25.66
C LYS B 135 -31.76 -15.97 -26.95
N ASP B 136 -32.91 -16.64 -26.87
CA ASP B 136 -33.75 -16.75 -28.07
C ASP B 136 -34.29 -15.37 -28.43
N GLY B 137 -34.59 -14.57 -27.40
CA GLY B 137 -35.05 -13.21 -27.62
C GLY B 137 -34.00 -12.36 -28.32
N VAL B 138 -32.76 -12.45 -27.86
CA VAL B 138 -31.65 -11.73 -28.48
C VAL B 138 -31.50 -12.19 -29.92
N ALA B 139 -31.62 -13.49 -30.16
CA ALA B 139 -31.53 -14.01 -31.52
C ALA B 139 -32.55 -13.35 -32.43
N LYS B 140 -33.80 -13.27 -31.96
CA LYS B 140 -34.86 -12.66 -32.75
C LYS B 140 -34.60 -11.17 -33.02
N VAL B 141 -34.19 -10.47 -31.95
CA VAL B 141 -33.92 -9.05 -32.05
C VAL B 141 -32.80 -8.77 -33.04
N MET B 142 -31.76 -9.60 -33.02
CA MET B 142 -30.61 -9.39 -33.88
C MET B 142 -30.94 -9.75 -35.32
N ALA B 143 -31.81 -10.74 -35.48
CA ALA B 143 -32.26 -11.12 -36.81
C ALA B 143 -33.00 -9.95 -37.46
N GLU B 144 -33.77 -9.21 -36.66
CA GLU B 144 -34.47 -8.05 -37.21
C GLU B 144 -33.55 -6.82 -37.33
N LEU B 145 -32.60 -6.67 -36.41
CA LEU B 145 -31.70 -5.54 -36.40
C LEU B 145 -30.73 -5.58 -37.58
N ASP B 146 -30.41 -6.79 -38.02
CA ASP B 146 -29.40 -7.00 -39.06
C ASP B 146 -29.74 -6.22 -40.32
N GLY B 147 -31.03 -6.22 -40.68
CA GLY B 147 -31.48 -5.54 -41.88
C GLY B 147 -31.58 -4.04 -41.75
N MET B 148 -31.44 -3.52 -40.53
CA MET B 148 -31.47 -2.08 -40.30
C MET B 148 -30.08 -1.45 -40.32
N ILE B 149 -29.04 -2.27 -40.33
CA ILE B 149 -27.69 -1.74 -40.33
C ILE B 149 -27.04 -2.04 -41.68
N PRO B 150 -26.88 -1.01 -42.51
CA PRO B 150 -26.39 -1.26 -43.88
C PRO B 150 -24.93 -1.68 -43.91
N ASP B 151 -24.53 -2.37 -44.98
CA ASP B 151 -23.12 -2.67 -45.19
C ASP B 151 -22.32 -1.36 -45.16
N GLY B 152 -21.14 -1.40 -44.55
CA GLY B 152 -20.26 -0.25 -44.49
C GLY B 152 -20.56 0.70 -43.35
N ALA B 153 -21.61 0.42 -42.58
CA ALA B 153 -21.96 1.28 -41.45
C ALA B 153 -21.09 0.98 -40.24
N ASN B 154 -21.01 1.97 -39.36
CA ASN B 154 -20.46 1.77 -38.04
C ASN B 154 -21.61 1.45 -37.10
N ALA B 155 -21.36 0.59 -36.11
CA ALA B 155 -22.41 0.22 -35.16
C ALA B 155 -21.90 0.46 -33.75
N PHE B 156 -22.75 1.04 -32.91
CA PHE B 156 -22.42 1.34 -31.52
C PHE B 156 -23.46 0.62 -30.65
N PHE B 157 -23.06 -0.47 -29.99
CA PHE B 157 -23.98 -1.20 -29.11
C PHE B 157 -23.78 -0.75 -27.67
N ALA B 158 -24.79 -0.12 -27.07
CA ALA B 158 -24.67 0.40 -25.72
C ALA B 158 -25.49 -0.42 -24.72
N HIS B 159 -24.78 -1.19 -23.90
CA HIS B 159 -25.41 -2.04 -22.89
C HIS B 159 -25.73 -1.23 -21.65
N THR B 160 -26.96 -1.36 -21.14
CA THR B 160 -27.35 -0.63 -19.93
C THR B 160 -28.07 -1.50 -18.91
N MET B 161 -28.15 -2.80 -19.17
CA MET B 161 -28.90 -3.68 -18.28
C MET B 161 -28.19 -3.86 -16.94
N ALA B 162 -28.97 -3.79 -15.87
CA ALA B 162 -28.44 -3.98 -14.52
C ALA B 162 -29.58 -4.25 -13.56
N GLY B 163 -29.31 -5.04 -12.52
CA GLY B 163 -30.32 -5.31 -11.51
C GLY B 163 -30.41 -6.80 -11.21
N GLY B 164 -31.61 -7.26 -10.89
CA GLY B 164 -31.83 -8.67 -10.64
C GLY B 164 -32.40 -9.01 -9.27
N ILE B 165 -32.86 -8.00 -8.55
CA ILE B 165 -33.51 -8.25 -7.25
C ILE B 165 -34.90 -8.83 -7.47
N PRO B 166 -35.15 -10.04 -6.94
CA PRO B 166 -36.48 -10.63 -7.06
C PRO B 166 -37.50 -9.87 -6.22
N LYS B 167 -38.77 -9.87 -6.64
CA LYS B 167 -39.80 -9.22 -5.85
C LYS B 167 -40.22 -10.10 -4.68
N VAL B 168 -39.79 -9.69 -3.49
CA VAL B 168 -40.18 -10.37 -2.25
C VAL B 168 -40.19 -9.34 -1.11
N LYS B 169 -41.20 -9.45 -0.26
CA LYS B 169 -41.53 -8.45 0.74
C LYS B 169 -40.53 -8.29 1.87
N VAL B 170 -39.85 -9.39 2.20
CA VAL B 170 -38.96 -9.38 3.35
C VAL B 170 -37.72 -8.58 2.99
N PHE B 171 -37.48 -8.49 1.69
CA PHE B 171 -36.30 -7.80 1.20
C PHE B 171 -36.36 -6.33 1.58
N LEU B 172 -37.55 -5.74 1.57
CA LEU B 172 -37.70 -4.34 1.94
C LEU B 172 -37.14 -4.07 3.34
N ALA B 173 -37.53 -4.90 4.30
CA ALA B 173 -37.08 -4.71 5.68
C ALA B 173 -35.57 -4.97 5.79
N ILE B 174 -35.12 -6.01 5.10
CA ILE B 174 -33.70 -6.35 5.13
C ILE B 174 -32.86 -5.20 4.58
N ALA B 175 -33.24 -4.71 3.40
CA ALA B 175 -32.55 -3.61 2.75
C ALA B 175 -32.61 -2.34 3.59
N ASN B 176 -33.74 -2.08 4.24
CA ASN B 176 -33.84 -0.91 5.09
C ASN B 176 -32.81 -0.96 6.20
N ARG B 177 -32.62 -2.13 6.79
CA ARG B 177 -31.62 -2.25 7.84
C ARG B 177 -30.19 -2.15 7.33
N ILE B 178 -29.89 -2.82 6.21
CA ILE B 178 -28.53 -2.81 5.68
C ILE B 178 -28.11 -1.41 5.23
N TYR B 179 -28.99 -0.74 4.50
CA TYR B 179 -28.65 0.56 3.92
C TYR B 179 -28.82 1.75 4.86
N LYS B 180 -29.76 1.67 5.80
CA LYS B 180 -30.11 2.84 6.59
C LYS B 180 -30.06 2.63 8.10
N GLY B 181 -29.80 1.40 8.51
CA GLY B 181 -29.83 1.05 9.92
C GLY B 181 -28.60 1.45 10.72
N ARG B 182 -28.83 2.03 11.89
CA ARG B 182 -27.77 2.30 12.85
C ARG B 182 -28.11 1.68 14.20
N GLY B 183 -27.10 1.44 15.03
CA GLY B 183 -27.35 0.91 16.36
C GLY B 183 -27.98 -0.47 16.29
N GLU B 184 -29.09 -0.66 17.00
CA GLU B 184 -29.78 -1.95 17.01
C GLU B 184 -30.36 -2.29 15.64
N ARG B 185 -30.62 -1.27 14.84
CA ARG B 185 -31.16 -1.46 13.50
C ARG B 185 -30.11 -1.87 12.48
N PHE B 186 -28.84 -1.66 12.81
CA PHE B 186 -27.77 -2.00 11.88
C PHE B 186 -27.82 -3.48 11.50
N LEU B 187 -27.57 -3.76 10.24
CA LEU B 187 -27.48 -5.13 9.76
C LEU B 187 -26.34 -5.25 8.76
N SER B 188 -25.48 -6.25 8.95
CA SER B 188 -24.37 -6.47 8.04
C SER B 188 -24.87 -6.91 6.67
N SER B 189 -24.27 -6.38 5.61
CA SER B 189 -24.56 -6.84 4.25
C SER B 189 -24.20 -8.32 4.12
N SER B 190 -23.23 -8.74 4.91
CA SER B 190 -22.82 -10.14 4.94
C SER B 190 -23.95 -11.04 5.43
N ALA B 191 -24.83 -10.51 6.28
CA ALA B 191 -25.98 -11.28 6.73
C ALA B 191 -26.83 -11.69 5.54
N LEU B 192 -27.02 -10.75 4.61
CA LEU B 192 -27.76 -11.04 3.39
C LEU B 192 -26.97 -11.98 2.48
N LEU B 193 -25.71 -11.64 2.20
CA LEU B 193 -24.96 -12.40 1.20
C LEU B 193 -24.69 -13.84 1.64
N ASN B 194 -24.66 -14.08 2.95
CA ASN B 194 -24.42 -15.43 3.47
C ASN B 194 -25.65 -16.33 3.42
N SER B 195 -26.83 -15.72 3.37
CA SER B 195 -28.07 -16.48 3.28
C SER B 195 -28.29 -17.03 1.87
N ASP B 196 -29.17 -18.01 1.75
CA ASP B 196 -29.51 -18.56 0.44
C ASP B 196 -30.23 -17.51 -0.40
N LEU B 197 -31.04 -16.69 0.27
CA LEU B 197 -31.68 -15.56 -0.40
C LEU B 197 -30.65 -14.67 -1.08
N GLY B 198 -29.61 -14.31 -0.34
CA GLY B 198 -28.55 -13.46 -0.87
C GLY B 198 -27.78 -14.15 -1.98
N LYS B 199 -27.56 -15.45 -1.85
CA LYS B 199 -26.85 -16.20 -2.87
C LYS B 199 -27.65 -16.22 -4.18
N LEU B 200 -28.97 -16.36 -4.06
CA LEU B 200 -29.85 -16.32 -5.22
C LEU B 200 -29.78 -14.94 -5.87
N ILE B 201 -29.88 -13.91 -5.03
CA ILE B 201 -29.78 -12.53 -5.51
C ILE B 201 -28.48 -12.32 -6.28
N LEU B 202 -27.35 -12.75 -5.72
CA LEU B 202 -26.06 -12.62 -6.39
C LEU B 202 -25.99 -13.36 -7.73
N MET B 203 -26.59 -14.55 -7.79
CA MET B 203 -26.67 -15.28 -9.05
C MET B 203 -27.43 -14.48 -10.11
N ASN B 204 -28.57 -13.93 -9.71
CA ASN B 204 -29.38 -13.14 -10.63
C ASN B 204 -28.66 -11.85 -11.04
N PHE B 205 -27.89 -11.27 -10.12
CA PHE B 205 -27.05 -10.11 -10.44
C PHE B 205 -26.05 -10.48 -11.53
N ASP B 206 -25.40 -11.63 -11.37
CA ASP B 206 -24.47 -12.09 -12.40
C ASP B 206 -25.15 -12.21 -13.74
N GLU B 207 -26.37 -12.73 -13.75
CA GLU B 207 -27.10 -12.86 -15.01
C GLU B 207 -27.47 -11.51 -15.64
N VAL B 208 -28.08 -10.62 -14.85
CA VAL B 208 -28.61 -9.37 -15.40
C VAL B 208 -27.53 -8.32 -15.70
N THR B 209 -26.66 -8.11 -14.73
CA THR B 209 -25.66 -7.05 -14.76
C THR B 209 -24.44 -7.41 -15.62
N ALA B 210 -24.11 -8.69 -15.68
CA ALA B 210 -22.92 -9.13 -16.38
C ALA B 210 -23.19 -9.96 -17.65
N ASN B 211 -23.82 -11.12 -17.49
CA ASN B 211 -23.90 -12.09 -18.59
C ASN B 211 -24.66 -11.57 -19.80
N THR B 212 -25.60 -10.66 -19.58
CA THR B 212 -26.31 -10.03 -20.69
C THR B 212 -25.36 -9.33 -21.67
N PHE B 213 -24.23 -8.85 -21.19
CA PHE B 213 -23.23 -8.21 -22.05
C PHE B 213 -22.61 -9.25 -22.97
N LEU B 214 -22.32 -10.43 -22.39
CA LEU B 214 -21.81 -11.54 -23.19
C LEU B 214 -22.84 -11.94 -24.23
N HIS B 215 -24.11 -11.99 -23.83
CA HIS B 215 -25.18 -12.40 -24.75
C HIS B 215 -25.35 -11.39 -25.87
N LEU B 216 -25.10 -10.12 -25.57
CA LEU B 216 -25.12 -9.06 -26.57
C LEU B 216 -24.00 -9.26 -27.57
N ILE B 217 -22.79 -9.49 -27.07
CA ILE B 217 -21.62 -9.61 -27.94
C ILE B 217 -21.73 -10.85 -28.82
N GLU B 218 -22.14 -11.97 -28.23
CA GLU B 218 -22.27 -13.22 -29.00
C GLU B 218 -23.45 -13.15 -29.97
N GLY B 219 -24.57 -12.61 -29.52
CA GLY B 219 -25.77 -12.53 -30.34
C GLY B 219 -25.58 -11.66 -31.58
N SER B 220 -24.71 -10.66 -31.47
CA SER B 220 -24.50 -9.69 -32.54
C SER B 220 -23.30 -10.06 -33.41
N ALA B 221 -22.76 -11.26 -33.22
CA ALA B 221 -21.53 -11.68 -33.88
C ALA B 221 -21.63 -11.66 -35.42
N ALA B 222 -22.76 -12.09 -35.95
CA ALA B 222 -22.96 -12.12 -37.41
C ALA B 222 -22.96 -10.72 -38.00
N ILE B 223 -23.69 -9.82 -37.33
CA ILE B 223 -23.75 -8.42 -37.72
C ILE B 223 -22.35 -7.83 -37.67
N ARG B 224 -21.64 -8.09 -36.57
CA ARG B 224 -20.30 -7.56 -36.37
C ARG B 224 -19.37 -7.99 -37.49
N ALA B 225 -19.38 -9.29 -37.80
CA ALA B 225 -18.58 -9.84 -38.89
C ALA B 225 -18.89 -9.16 -40.23
N ARG B 226 -20.18 -9.00 -40.51
CA ARG B 226 -20.58 -8.44 -41.79
C ARG B 226 -20.14 -6.97 -41.89
N LEU B 227 -20.28 -6.22 -40.80
CA LEU B 227 -19.88 -4.83 -40.83
C LEU B 227 -18.37 -4.67 -40.94
N GLU B 228 -17.63 -5.54 -40.25
CA GLU B 228 -16.17 -5.47 -40.25
C GLU B 228 -15.63 -5.75 -41.64
N LYS B 229 -16.22 -6.75 -42.29
CA LYS B 229 -15.78 -7.13 -43.63
C LYS B 229 -16.20 -6.12 -44.69
N SER B 230 -17.19 -5.30 -44.36
CA SER B 230 -17.60 -4.21 -45.24
C SER B 230 -16.83 -2.91 -44.96
N GLY B 231 -15.79 -3.01 -44.14
CA GLY B 231 -14.97 -1.86 -43.79
C GLY B 231 -15.42 -1.05 -42.59
N GLY B 232 -16.41 -1.55 -41.86
CA GLY B 232 -17.07 -0.77 -40.83
C GLY B 232 -16.43 -0.99 -39.48
N GLN B 233 -16.77 -0.14 -38.52
CA GLN B 233 -16.28 -0.28 -37.15
C GLN B 233 -17.43 -0.64 -36.21
N VAL B 234 -17.16 -1.53 -35.27
CA VAL B 234 -18.17 -1.94 -34.30
C VAL B 234 -17.68 -1.68 -32.88
N ARG B 235 -18.53 -1.09 -32.05
CA ARG B 235 -18.18 -0.81 -30.66
C ARG B 235 -19.25 -1.33 -29.70
N TYR B 236 -18.81 -1.77 -28.52
CA TYR B 236 -19.71 -2.16 -27.45
C TYR B 236 -19.35 -1.36 -26.21
N SER B 237 -20.35 -0.77 -25.56
CA SER B 237 -20.08 -0.09 -24.30
C SER B 237 -20.97 -0.69 -23.21
N ALA B 238 -20.51 -0.57 -21.97
CA ALA B 238 -21.32 -0.97 -20.83
C ALA B 238 -21.05 0.01 -19.71
N TYR B 239 -22.04 0.19 -18.83
CA TYR B 239 -21.86 1.04 -17.66
C TYR B 239 -21.39 0.22 -16.48
N GLY B 240 -20.30 0.65 -15.86
CA GLY B 240 -19.78 -0.04 -14.68
C GLY B 240 -19.74 0.87 -13.47
N TYR B 241 -19.65 0.26 -12.30
CA TYR B 241 -19.24 0.97 -11.10
C TYR B 241 -18.21 0.11 -10.38
N HIS B 242 -17.08 0.73 -10.03
CA HIS B 242 -16.00 0.01 -9.39
C HIS B 242 -15.19 1.03 -8.59
N GLY B 243 -15.91 1.91 -7.91
CA GLY B 243 -15.29 3.01 -7.19
C GLY B 243 -14.82 4.11 -8.14
N THR B 244 -14.42 5.23 -7.56
CA THR B 244 -14.13 6.44 -8.32
C THR B 244 -13.02 7.23 -7.63
N GLU B 245 -12.10 7.78 -8.41
CA GLU B 245 -11.09 8.68 -7.85
C GLU B 245 -11.67 10.07 -7.65
N ILE B 246 -11.53 10.56 -6.41
CA ILE B 246 -12.01 11.89 -6.07
C ILE B 246 -10.93 12.63 -5.29
N LEU B 247 -11.04 13.95 -5.20
CA LEU B 247 -10.03 14.76 -4.52
C LEU B 247 -10.06 14.55 -3.01
N ILE B 248 -9.00 13.93 -2.51
CA ILE B 248 -8.75 13.82 -1.08
C ILE B 248 -7.34 14.36 -0.84
N ASP B 249 -7.25 15.36 0.05
CA ASP B 249 -5.98 16.05 0.29
C ASP B 249 -5.36 16.55 -1.01
N ASP B 250 -6.20 17.16 -1.85
CA ASP B 250 -5.78 17.71 -3.13
C ASP B 250 -5.11 16.68 -4.05
N LYS B 251 -5.47 15.42 -3.90
CA LYS B 251 -4.98 14.42 -4.84
C LYS B 251 -6.11 13.49 -5.23
N TYR B 252 -6.21 13.12 -6.50
CA TYR B 252 -7.25 12.19 -6.91
C TYR B 252 -6.93 10.81 -6.35
N GLN B 253 -7.81 10.30 -5.50
CA GLN B 253 -7.61 9.02 -4.85
C GLN B 253 -8.86 8.16 -4.97
N TRP B 254 -8.67 6.90 -5.31
CA TRP B 254 -9.76 5.96 -5.45
C TRP B 254 -10.47 5.76 -4.13
N GLN B 255 -11.81 5.79 -4.18
CA GLN B 255 -12.62 5.41 -3.04
C GLN B 255 -13.90 4.80 -3.57
N THR B 256 -14.81 4.44 -2.67
CA THR B 256 -16.04 3.79 -3.06
C THR B 256 -17.15 4.02 -2.06
N TYR B 257 -18.38 3.86 -2.52
CA TYR B 257 -19.51 3.62 -1.63
C TYR B 257 -19.47 2.15 -1.20
N THR B 258 -19.73 1.93 0.09
CA THR B 258 -19.81 0.60 0.68
C THR B 258 -21.18 0.47 1.34
N SER B 259 -21.89 -0.65 1.19
CA SER B 259 -21.43 -1.86 0.51
C SER B 259 -22.14 -2.04 -0.82
N TYR B 260 -21.37 -2.10 -1.89
CA TYR B 260 -21.93 -2.19 -3.23
C TYR B 260 -22.12 -3.64 -3.64
N THR B 261 -23.34 -4.15 -3.45
CA THR B 261 -23.63 -5.57 -3.58
C THR B 261 -23.52 -6.09 -5.03
N GLN B 262 -23.66 -5.19 -6.00
CA GLN B 262 -23.50 -5.55 -7.41
C GLN B 262 -22.03 -5.67 -7.82
N GLY B 263 -21.12 -5.54 -6.86
CA GLY B 263 -19.70 -5.47 -7.14
C GLY B 263 -19.12 -6.68 -7.87
N LYS B 264 -19.44 -7.88 -7.37
CA LYS B 264 -18.96 -9.10 -8.00
C LYS B 264 -19.43 -9.17 -9.45
N ALA B 265 -20.70 -8.82 -9.67
CA ALA B 265 -21.27 -8.82 -11.01
C ALA B 265 -20.58 -7.80 -11.91
N LYS B 266 -20.27 -6.62 -11.39
CA LYS B 266 -19.60 -5.60 -12.18
C LYS B 266 -18.17 -6.03 -12.55
N MET B 267 -17.51 -6.77 -11.66
CA MET B 267 -16.20 -7.30 -11.99
C MET B 267 -16.28 -8.42 -13.03
N ARG B 268 -17.36 -9.19 -12.98
CA ARG B 268 -17.63 -10.20 -14.01
C ARG B 268 -17.84 -9.52 -15.36
N LEU B 269 -18.59 -8.43 -15.35
CA LEU B 269 -18.81 -7.62 -16.55
C LEU B 269 -17.48 -7.15 -17.15
N GLU B 270 -16.61 -6.65 -16.28
CA GLU B 270 -15.27 -6.24 -16.67
C GLU B 270 -14.52 -7.36 -17.36
N ARG B 271 -14.54 -8.55 -16.75
CA ARG B 271 -13.84 -9.68 -17.33
C ARG B 271 -14.40 -10.06 -18.70
N ILE B 272 -15.71 -10.01 -18.86
CA ILE B 272 -16.33 -10.25 -20.16
C ILE B 272 -15.78 -9.29 -21.21
N ALA B 273 -15.69 -8.01 -20.86
CA ALA B 273 -15.11 -7.03 -21.77
C ALA B 273 -13.66 -7.36 -22.11
N GLU B 274 -12.89 -7.76 -21.10
CA GLU B 274 -11.47 -8.06 -21.30
C GLU B 274 -11.27 -9.27 -22.24
N ASP B 275 -12.04 -10.32 -21.99
CA ASP B 275 -12.04 -11.51 -22.84
C ASP B 275 -12.37 -11.15 -24.27
N ALA B 276 -13.46 -10.39 -24.44
CA ALA B 276 -13.87 -9.96 -25.77
C ALA B 276 -12.76 -9.16 -26.45
N TRP B 277 -12.11 -8.28 -25.68
CA TRP B 277 -11.05 -7.42 -26.19
C TRP B 277 -9.89 -8.26 -26.73
N LYS B 278 -9.55 -9.33 -26.03
CA LYS B 278 -8.44 -10.18 -26.49
C LYS B 278 -8.76 -10.91 -27.80
N GLN B 279 -10.05 -11.06 -28.11
CA GLN B 279 -10.46 -11.64 -29.39
C GLN B 279 -10.64 -10.57 -30.46
N GLY B 280 -10.21 -9.34 -30.17
CA GLY B 280 -10.26 -8.26 -31.13
C GLY B 280 -11.58 -7.50 -31.16
N ILE B 281 -12.44 -7.77 -30.19
CA ILE B 281 -13.73 -7.09 -30.10
C ILE B 281 -13.58 -5.83 -29.26
N LYS B 282 -13.98 -4.68 -29.80
CA LYS B 282 -13.79 -3.40 -29.12
C LYS B 282 -14.95 -3.15 -28.13
N ALA B 283 -14.90 -3.88 -27.01
CA ALA B 283 -15.91 -3.74 -25.96
C ALA B 283 -15.27 -3.05 -24.75
N THR B 284 -15.94 -2.03 -24.22
CA THR B 284 -15.38 -1.28 -23.10
C THR B 284 -16.42 -1.06 -22.01
N VAL B 285 -16.04 -1.43 -20.79
CA VAL B 285 -16.81 -1.07 -19.60
C VAL B 285 -16.30 0.27 -19.07
N TYR B 286 -17.20 1.22 -18.91
CA TYR B 286 -16.85 2.53 -18.37
C TYR B 286 -17.28 2.58 -16.92
N ASN B 287 -16.29 2.61 -16.02
CA ASN B 287 -16.59 2.72 -14.60
C ASN B 287 -16.82 4.17 -14.23
N CYS B 288 -18.09 4.50 -14.01
CA CYS B 288 -18.51 5.90 -13.87
C CYS B 288 -18.66 6.32 -12.42
N PRO B 289 -18.69 7.63 -12.16
CA PRO B 289 -18.78 8.10 -10.76
C PRO B 289 -20.08 7.75 -10.07
N GLU B 290 -20.04 7.77 -8.74
CA GLU B 290 -21.24 7.78 -7.92
C GLU B 290 -22.13 8.95 -8.32
N ILE B 291 -23.43 8.70 -8.42
CA ILE B 291 -24.44 9.76 -8.58
C ILE B 291 -25.64 9.42 -7.72
N ARG B 292 -26.49 10.41 -7.46
CA ARG B 292 -27.72 10.15 -6.75
C ARG B 292 -28.79 11.12 -7.24
N THR B 293 -29.44 10.77 -8.34
CA THR B 293 -30.42 11.65 -8.96
C THR B 293 -31.75 11.63 -8.20
N ASN B 294 -31.96 10.57 -7.43
CA ASN B 294 -33.14 10.46 -6.58
C ASN B 294 -32.74 10.31 -5.12
N SER B 295 -32.74 11.42 -4.39
CA SER B 295 -32.30 11.40 -3.00
C SER B 295 -33.35 10.82 -2.06
N SER B 296 -34.45 10.34 -2.61
CA SER B 296 -35.45 9.63 -1.81
C SER B 296 -35.20 8.13 -1.85
N ASP B 297 -34.21 7.69 -2.62
CA ASP B 297 -33.94 6.25 -2.70
C ASP B 297 -33.23 5.79 -1.42
N ILE B 298 -32.94 4.50 -1.36
CA ILE B 298 -32.49 3.87 -0.13
C ILE B 298 -31.00 4.05 0.12
N PHE B 299 -30.28 4.52 -0.88
CA PHE B 299 -28.82 4.47 -0.85
C PHE B 299 -28.18 5.68 -0.16
N VAL B 300 -28.54 5.87 1.10
CA VAL B 300 -28.03 6.98 1.90
C VAL B 300 -26.51 6.93 1.97
N GLY B 301 -25.86 8.00 1.56
CA GLY B 301 -24.41 8.07 1.64
C GLY B 301 -23.66 7.97 0.34
N VAL B 302 -24.28 7.41 -0.70
CA VAL B 302 -23.59 7.31 -1.99
C VAL B 302 -23.19 8.71 -2.47
N GLU B 303 -24.07 9.66 -2.20
CA GLU B 303 -23.90 11.02 -2.69
C GLU B 303 -22.70 11.71 -2.05
N LEU B 304 -22.24 11.20 -0.90
CA LEU B 304 -21.10 11.80 -0.23
C LEU B 304 -19.86 11.80 -1.13
N SER B 305 -19.78 10.84 -2.06
CA SER B 305 -18.59 10.76 -2.92
C SER B 305 -18.56 11.88 -3.96
N LEU B 306 -19.72 12.48 -4.20
CA LEU B 306 -19.90 13.46 -5.26
C LEU B 306 -19.35 14.85 -4.92
N PHE B 307 -19.42 15.25 -3.66
CA PHE B 307 -19.11 16.65 -3.31
C PHE B 307 -17.72 17.16 -3.75
N PRO B 308 -16.66 16.34 -3.65
CA PRO B 308 -15.35 16.85 -4.08
C PRO B 308 -15.26 17.18 -5.57
N LEU B 309 -16.27 16.81 -6.37
CA LEU B 309 -16.29 17.22 -7.77
C LEU B 309 -16.19 18.73 -7.87
N LEU B 310 -16.75 19.45 -6.89
CA LEU B 310 -16.66 20.91 -6.89
C LEU B 310 -15.19 21.36 -6.95
N LYS B 311 -14.36 20.75 -6.12
CA LYS B 311 -12.95 21.12 -6.11
C LYS B 311 -12.30 20.75 -7.44
N ALA B 312 -12.72 19.62 -8.00
CA ALA B 312 -12.16 19.18 -9.27
C ALA B 312 -12.45 20.20 -10.34
N LEU B 313 -13.65 20.77 -10.30
CA LEU B 313 -14.03 21.74 -11.32
C LEU B 313 -13.09 22.93 -11.29
N LYS B 314 -12.64 23.29 -10.09
CA LYS B 314 -11.72 24.41 -10.01
C LYS B 314 -10.31 23.95 -10.37
N LYS B 315 -9.96 22.72 -9.98
CA LYS B 315 -8.59 22.25 -10.13
C LYS B 315 -8.22 22.09 -11.60
N GLU B 316 -9.16 21.60 -12.42
CA GLU B 316 -8.87 21.28 -13.81
C GLU B 316 -9.10 22.46 -14.75
N ASN B 317 -8.30 23.51 -14.57
CA ASN B 317 -8.39 24.75 -15.35
C ASN B 317 -9.80 25.33 -15.31
N GLY B 318 -10.38 25.39 -14.13
CA GLY B 318 -11.70 25.96 -13.97
C GLY B 318 -11.68 27.44 -14.22
N GLY B 319 -12.78 27.96 -14.76
CA GLY B 319 -12.93 29.38 -14.96
C GLY B 319 -14.28 29.85 -14.49
N ALA B 320 -14.90 30.71 -15.28
CA ALA B 320 -16.18 31.31 -14.95
C ALA B 320 -17.29 30.28 -14.75
N TRP B 321 -17.34 29.27 -15.61
CA TRP B 321 -18.45 28.34 -15.52
C TRP B 321 -18.38 27.51 -14.23
N ALA B 322 -17.18 27.05 -13.89
CA ALA B 322 -16.98 26.30 -12.65
C ALA B 322 -17.39 27.14 -11.43
N GLU B 323 -17.00 28.41 -11.46
CA GLU B 323 -17.34 29.32 -10.38
C GLU B 323 -18.86 29.48 -10.30
N ALA B 324 -19.51 29.48 -11.46
CA ALA B 324 -20.97 29.54 -11.51
C ALA B 324 -21.58 28.27 -10.90
N GLN B 325 -20.92 27.13 -11.03
CA GLN B 325 -21.43 25.90 -10.42
C GLN B 325 -21.32 26.00 -8.90
N TRP B 326 -20.21 26.58 -8.43
CA TRP B 326 -20.08 26.84 -7.01
C TRP B 326 -21.20 27.75 -6.51
N GLN B 327 -21.49 28.82 -7.26
CA GLN B 327 -22.58 29.71 -6.89
C GLN B 327 -23.93 28.99 -6.84
N ALA B 328 -24.17 28.14 -7.82
CA ALA B 328 -25.42 27.37 -7.87
C ALA B 328 -25.57 26.48 -6.64
N CYS B 329 -24.46 25.89 -6.21
CA CYS B 329 -24.50 25.03 -5.04
C CYS B 329 -24.63 25.82 -3.74
N ARG B 330 -24.06 27.02 -3.71
CA ARG B 330 -24.23 27.90 -2.53
C ARG B 330 -25.70 28.27 -2.38
N GLU B 331 -26.36 28.51 -3.51
CA GLU B 331 -27.73 29.04 -3.48
C GLU B 331 -28.78 28.10 -2.89
N VAL B 332 -28.54 26.77 -2.92
CA VAL B 332 -29.52 25.84 -2.37
C VAL B 332 -29.35 25.55 -0.88
N LEU B 333 -28.27 26.07 -0.29
CA LEU B 333 -28.04 25.91 1.14
C LEU B 333 -28.76 27.00 1.92
N SER B 334 -29.21 26.68 3.13
CA SER B 334 -29.91 27.65 3.97
C SER B 334 -28.98 28.79 4.33
N GLU B 335 -29.54 29.93 4.68
CA GLU B 335 -28.74 31.06 5.13
C GLU B 335 -28.00 30.66 6.40
N GLY B 336 -26.72 30.97 6.45
CA GLY B 336 -25.91 30.61 7.61
C GLY B 336 -25.09 29.35 7.38
N HIS B 337 -25.41 28.61 6.32
CA HIS B 337 -24.60 27.45 5.99
C HIS B 337 -23.75 27.79 4.78
N THR B 338 -22.45 27.55 4.87
CA THR B 338 -21.56 27.82 3.75
C THR B 338 -21.18 26.56 3.01
N LEU B 339 -20.89 26.70 1.73
CA LEU B 339 -20.45 25.58 0.93
C LEU B 339 -19.09 25.10 1.42
N GLU B 340 -18.28 26.05 1.89
CA GLU B 340 -16.98 25.70 2.44
C GLU B 340 -17.11 24.75 3.63
N SER B 341 -18.10 24.99 4.48
CA SER B 341 -18.31 24.14 5.65
C SER B 341 -18.72 22.72 5.25
N LEU B 342 -19.54 22.62 4.21
CA LEU B 342 -19.94 21.32 3.68
C LEU B 342 -18.73 20.55 3.17
N LEU B 343 -17.96 21.21 2.30
CA LEU B 343 -16.78 20.58 1.74
C LEU B 343 -15.76 20.19 2.81
N GLN B 344 -15.65 21.02 3.85
CA GLN B 344 -14.77 20.68 4.96
C GLN B 344 -15.26 19.43 5.68
N LYS B 345 -16.56 19.34 5.87
CA LYS B 345 -17.15 18.15 6.48
C LYS B 345 -16.80 16.90 5.66
N ILE B 346 -16.84 17.02 4.34
CA ILE B 346 -16.49 15.88 3.48
C ILE B 346 -14.99 15.55 3.54
N ASP B 347 -14.15 16.57 3.62
CA ASP B 347 -12.72 16.36 3.82
C ASP B 347 -12.46 15.59 5.12
N ASP B 348 -13.11 16.01 6.20
CA ASP B 348 -13.01 15.32 7.49
C ASP B 348 -13.52 13.88 7.39
N TYR B 349 -14.56 13.68 6.58
CA TYR B 349 -15.11 12.36 6.34
C TYR B 349 -14.06 11.43 5.73
N ASN B 350 -13.45 11.89 4.64
CA ASN B 350 -12.45 11.09 3.96
C ASN B 350 -11.15 10.96 4.75
N ALA B 351 -10.94 11.87 5.71
CA ALA B 351 -9.73 11.83 6.52
C ALA B 351 -9.86 10.88 7.71
N SER B 352 -11.09 10.46 8.00
CA SER B 352 -11.34 9.62 9.17
C SER B 352 -10.73 8.23 9.01
N ASP B 353 -10.37 7.61 10.13
CA ASP B 353 -9.79 6.27 10.11
C ASP B 353 -10.79 5.27 9.52
N VAL B 354 -12.05 5.41 9.95
CA VAL B 354 -13.11 4.53 9.52
C VAL B 354 -13.29 4.51 8.01
N MET B 355 -13.35 5.69 7.39
CA MET B 355 -13.53 5.76 5.94
C MET B 355 -12.25 5.39 5.21
N LYS B 356 -11.12 5.67 5.85
CA LYS B 356 -9.82 5.35 5.28
C LYS B 356 -9.70 3.83 5.09
N GLY B 357 -10.29 3.09 6.03
CA GLY B 357 -10.25 1.64 5.96
C GLY B 357 -10.96 1.03 4.75
N PHE B 358 -11.91 1.77 4.18
CA PHE B 358 -12.67 1.27 3.05
C PHE B 358 -12.06 1.62 1.69
N ARG B 359 -10.93 2.32 1.69
CA ARG B 359 -10.24 2.61 0.43
C ARG B 359 -9.36 1.43 0.01
N ASN B 360 -9.84 0.23 0.31
CA ASN B 360 -9.17 -1.03 0.00
C ASN B 360 -9.66 -1.60 -1.34
N PHE B 361 -8.87 -1.45 -2.38
CA PHE B 361 -9.29 -1.87 -3.72
C PHE B 361 -9.38 -3.39 -3.85
N GLU B 362 -8.44 -4.09 -3.23
CA GLU B 362 -8.37 -5.54 -3.39
C GLU B 362 -9.57 -6.24 -2.74
N ALA B 363 -10.05 -5.68 -1.64
CA ALA B 363 -11.14 -6.26 -0.86
C ALA B 363 -12.53 -5.88 -1.37
N TRP B 364 -12.58 -5.03 -2.39
CA TRP B 364 -13.84 -4.49 -2.91
C TRP B 364 -14.71 -5.56 -3.56
N PRO B 365 -16.03 -5.53 -3.29
CA PRO B 365 -16.73 -4.65 -2.35
C PRO B 365 -16.70 -5.19 -0.92
N MET B 366 -16.43 -4.32 0.04
CA MET B 366 -16.31 -4.74 1.42
C MET B 366 -17.67 -4.79 2.11
N PRO B 367 -17.79 -5.57 3.19
CA PRO B 367 -19.01 -5.52 3.99
C PRO B 367 -19.12 -4.19 4.73
N ASN B 368 -20.35 -3.72 4.96
CA ASN B 368 -20.54 -2.55 5.80
C ASN B 368 -20.26 -2.91 7.27
N THR B 369 -20.07 -1.88 8.09
CA THR B 369 -19.87 -2.07 9.53
C THR B 369 -20.74 -1.07 10.29
N ALA B 370 -20.94 -1.32 11.59
CA ALA B 370 -21.73 -0.43 12.42
C ALA B 370 -21.11 0.98 12.46
N GLU B 371 -19.78 1.04 12.48
CA GLU B 371 -19.05 2.29 12.49
C GLU B 371 -19.28 3.07 11.18
N LEU B 372 -19.25 2.34 10.08
CA LEU B 372 -19.52 2.92 8.77
C LEU B 372 -20.92 3.51 8.76
N ALA B 373 -21.89 2.75 9.24
CA ALA B 373 -23.27 3.20 9.31
C ALA B 373 -23.38 4.51 10.08
N ASP B 374 -22.74 4.55 11.26
CA ASP B 374 -22.75 5.76 12.08
C ASP B 374 -22.25 6.97 11.31
N ILE B 375 -21.04 6.88 10.76
CA ILE B 375 -20.43 8.07 10.18
C ILE B 375 -21.05 8.45 8.83
N MET B 376 -21.35 7.45 8.00
CA MET B 376 -21.90 7.72 6.68
C MET B 376 -23.32 8.26 6.75
N ILE B 377 -24.19 7.56 7.49
CA ILE B 377 -25.57 8.01 7.57
C ILE B 377 -25.65 9.33 8.34
N GLY B 378 -24.86 9.45 9.41
CA GLY B 378 -24.82 10.69 10.17
C GLY B 378 -24.43 11.89 9.31
N THR B 379 -23.34 11.74 8.56
CA THR B 379 -22.82 12.81 7.73
C THR B 379 -23.81 13.16 6.61
N SER B 380 -24.35 12.13 5.97
CA SER B 380 -25.33 12.33 4.91
C SER B 380 -26.53 13.15 5.42
N ASP B 381 -27.07 12.74 6.56
CA ASP B 381 -28.22 13.43 7.14
C ASP B 381 -27.88 14.89 7.50
N GLU B 382 -26.69 15.10 8.07
CA GLU B 382 -26.27 16.46 8.43
C GLU B 382 -26.24 17.41 7.21
N ILE B 383 -25.64 16.90 6.13
CA ILE B 383 -25.50 17.71 4.93
C ILE B 383 -26.87 17.96 4.33
N THR B 384 -27.74 16.95 4.35
CA THR B 384 -29.10 17.16 3.87
C THR B 384 -29.77 18.30 4.65
N LYS B 385 -29.56 18.31 5.97
CA LYS B 385 -30.19 19.32 6.81
C LYS B 385 -29.57 20.71 6.63
N MET B 386 -28.45 20.81 5.91
CA MET B 386 -27.91 22.14 5.57
C MET B 386 -28.70 22.87 4.46
N HIS B 387 -29.67 22.20 3.85
CA HIS B 387 -30.36 22.75 2.68
C HIS B 387 -31.67 23.48 2.99
N LYS B 388 -31.99 24.48 2.16
CA LYS B 388 -33.27 25.17 2.26
C LYS B 388 -34.42 24.19 2.08
N SER B 389 -34.28 23.32 1.09
CA SER B 389 -35.30 22.37 0.71
C SER B 389 -34.71 21.04 0.25
N ARG B 390 -35.32 19.93 0.63
CA ARG B 390 -34.80 18.63 0.23
C ARG B 390 -35.17 18.30 -1.22
N ASP B 391 -35.92 19.18 -1.86
CA ASP B 391 -36.22 19.02 -3.29
C ASP B 391 -35.17 19.72 -4.14
N ALA B 392 -34.20 20.36 -3.49
CA ALA B 392 -33.14 21.06 -4.20
C ALA B 392 -31.80 20.89 -3.49
N LEU B 393 -31.06 19.85 -3.86
CA LEU B 393 -29.83 19.52 -3.15
C LEU B 393 -28.60 19.82 -4.00
N VAL B 394 -27.48 20.04 -3.34
CA VAL B 394 -26.20 20.18 -4.03
C VAL B 394 -25.94 18.94 -4.89
N THR B 395 -26.28 17.77 -4.36
CA THR B 395 -26.05 16.54 -5.11
C THR B 395 -26.96 16.38 -6.33
N ASP B 396 -28.09 17.10 -6.38
CA ASP B 396 -28.88 17.12 -7.62
C ASP B 396 -28.07 17.82 -8.72
N VAL B 397 -27.52 18.99 -8.37
CA VAL B 397 -26.70 19.76 -9.29
C VAL B 397 -25.49 18.94 -9.76
N LEU B 398 -24.76 18.37 -8.79
CA LEU B 398 -23.55 17.66 -9.12
C LEU B 398 -23.83 16.37 -9.89
N SER B 399 -24.92 15.68 -9.57
CA SER B 399 -25.27 14.48 -10.33
C SER B 399 -25.55 14.85 -11.78
N ALA B 400 -26.30 15.93 -11.97
CA ALA B 400 -26.58 16.41 -13.33
C ALA B 400 -25.29 16.72 -14.10
N LEU B 401 -24.33 17.33 -13.42
CA LEU B 401 -23.04 17.61 -14.05
C LEU B 401 -22.30 16.34 -14.45
N VAL B 402 -22.31 15.34 -13.58
CA VAL B 402 -21.66 14.07 -13.92
C VAL B 402 -22.31 13.44 -15.16
N LEU B 403 -23.64 13.43 -15.21
CA LEU B 403 -24.32 12.89 -16.39
C LEU B 403 -23.88 13.64 -17.66
N GLU B 404 -23.88 14.96 -17.52
CA GLU B 404 -23.55 15.85 -18.63
C GLU B 404 -22.15 15.59 -19.18
N GLY B 405 -21.19 15.39 -18.29
CA GLY B 405 -19.81 15.17 -18.70
C GLY B 405 -19.59 13.77 -19.24
N THR B 406 -20.30 12.81 -18.68
CA THR B 406 -20.04 11.41 -19.00
C THR B 406 -20.50 11.05 -20.39
N GLY B 407 -21.62 11.64 -20.85
CA GLY B 407 -22.10 11.37 -22.21
C GLY B 407 -21.06 11.49 -23.35
N PRO B 408 -20.51 12.69 -23.55
CA PRO B 408 -19.50 12.90 -24.59
C PRO B 408 -18.22 12.12 -24.36
N LEU B 409 -17.83 11.94 -23.09
CA LEU B 409 -16.64 11.15 -22.79
C LEU B 409 -16.78 9.73 -23.33
N MET B 410 -17.89 9.06 -23.00
CA MET B 410 -18.08 7.69 -23.48
C MET B 410 -18.28 7.66 -24.99
N PHE B 411 -19.07 8.59 -25.51
CA PHE B 411 -19.37 8.57 -26.94
C PHE B 411 -18.09 8.72 -27.77
N HIS B 412 -17.23 9.64 -27.37
CA HIS B 412 -16.02 9.90 -28.14
C HIS B 412 -14.91 8.90 -27.85
N GLU B 413 -14.79 8.45 -26.61
CA GLU B 413 -13.77 7.46 -26.30
C GLU B 413 -14.07 6.16 -27.06
N SER B 414 -15.35 5.86 -27.24
CA SER B 414 -15.71 4.64 -27.96
C SER B 414 -15.30 4.66 -29.42
N SER B 415 -15.06 5.84 -30.00
CA SER B 415 -14.59 5.88 -31.39
C SER B 415 -13.19 5.26 -31.50
N ASN B 416 -12.38 5.50 -30.47
CA ASN B 416 -11.03 4.95 -30.40
C ASN B 416 -10.65 4.60 -28.96
N PRO B 417 -11.21 3.49 -28.43
CA PRO B 417 -11.08 3.19 -26.99
C PRO B 417 -9.69 2.72 -26.59
N ALA B 418 -9.22 3.20 -25.44
CA ALA B 418 -7.89 2.87 -24.95
C ALA B 418 -7.79 1.44 -24.44
N GLY B 419 -8.92 0.86 -24.06
CA GLY B 419 -8.93 -0.47 -23.48
C GLY B 419 -10.32 -0.96 -23.13
N PRO B 420 -10.42 -2.21 -22.65
CA PRO B 420 -11.69 -2.87 -22.32
C PRO B 420 -12.33 -2.38 -21.02
N VAL B 421 -11.55 -1.79 -20.11
CA VAL B 421 -12.10 -1.27 -18.86
C VAL B 421 -11.45 0.06 -18.54
N LEU B 422 -12.26 1.11 -18.41
CA LEU B 422 -11.75 2.46 -18.21
C LEU B 422 -12.53 3.15 -17.12
N TRP B 423 -11.82 3.77 -16.17
CA TRP B 423 -12.46 4.58 -15.14
C TRP B 423 -12.64 6.02 -15.61
N LEU B 424 -13.87 6.53 -15.44
CA LEU B 424 -14.13 7.95 -15.64
C LEU B 424 -14.29 8.55 -14.25
N SER B 425 -13.21 9.14 -13.73
CA SER B 425 -13.25 9.72 -12.39
C SER B 425 -13.42 11.24 -12.45
N HIS B 426 -13.40 11.90 -11.30
CA HIS B 426 -13.72 13.31 -11.24
C HIS B 426 -12.77 14.20 -12.04
N ASP B 427 -11.51 13.76 -12.22
CA ASP B 427 -10.54 14.56 -12.96
C ASP B 427 -10.95 14.75 -14.43
N VAL B 428 -11.23 13.64 -15.11
CA VAL B 428 -11.53 13.70 -16.54
C VAL B 428 -12.95 14.27 -16.76
N ILE B 429 -13.85 14.00 -15.83
CA ILE B 429 -15.19 14.59 -15.87
C ILE B 429 -15.08 16.11 -15.78
N ALA B 430 -14.28 16.61 -14.84
CA ALA B 430 -14.08 18.04 -14.69
C ALA B 430 -13.42 18.65 -15.92
N LYS B 431 -12.42 17.96 -16.48
CA LYS B 431 -11.79 18.41 -17.72
C LYS B 431 -12.80 18.55 -18.85
N GLN B 432 -13.61 17.51 -19.03
CA GLN B 432 -14.63 17.52 -20.08
C GLN B 432 -15.62 18.65 -19.88
N LEU B 433 -16.09 18.82 -18.64
CA LEU B 433 -17.08 19.84 -18.34
C LEU B 433 -16.54 21.26 -18.58
N ASN B 434 -15.31 21.51 -18.12
CA ASN B 434 -14.70 22.83 -18.26
C ASN B 434 -14.42 23.12 -19.73
N LEU B 435 -14.07 22.08 -20.49
CA LEU B 435 -13.88 22.22 -21.93
C LEU B 435 -15.18 22.58 -22.64
N MET B 436 -16.25 21.86 -22.33
CA MET B 436 -17.56 22.09 -22.91
C MET B 436 -18.07 23.51 -22.71
N HIS B 437 -17.67 24.12 -21.59
CA HIS B 437 -18.19 25.42 -21.24
C HIS B 437 -17.10 26.49 -21.29
N ARG B 438 -16.06 26.23 -22.08
CA ARG B 438 -14.89 27.12 -22.13
C ARG B 438 -15.20 28.50 -22.69
N LEU B 439 -16.32 28.65 -23.38
CA LEU B 439 -16.71 29.94 -23.95
C LEU B 439 -17.76 30.68 -23.13
N GLU B 440 -18.18 30.08 -22.02
CA GLU B 440 -19.16 30.72 -21.14
C GLU B 440 -18.45 31.43 -19.98
N HIS B 441 -18.40 32.75 -20.07
CA HIS B 441 -17.56 33.57 -19.20
C HIS B 441 -18.35 34.34 -18.17
N HIS B 442 -19.68 34.34 -18.30
CA HIS B 442 -20.54 35.17 -17.46
C HIS B 442 -20.57 34.74 -16.00
N HIS B 443 -20.92 35.68 -15.13
CA HIS B 443 -21.20 35.38 -13.74
C HIS B 443 -22.49 34.57 -13.63
N HIS B 444 -22.68 33.91 -12.50
CA HIS B 444 -23.87 33.11 -12.24
C HIS B 444 -25.10 34.00 -12.03
N HIS B 445 -26.21 33.61 -12.64
CA HIS B 445 -27.46 34.33 -12.49
C HIS B 445 -28.45 33.53 -11.64
N MET C 1 14.04 -28.68 43.50
CA MET C 1 13.48 -29.97 43.15
C MET C 1 14.34 -30.66 42.09
N LYS C 2 14.34 -31.98 42.10
CA LYS C 2 15.15 -32.75 41.15
C LYS C 2 14.34 -33.17 39.93
N SER C 3 13.03 -32.97 39.99
CA SER C 3 12.15 -33.31 38.87
C SER C 3 10.92 -32.41 38.91
N PRO C 4 10.24 -32.26 37.77
CA PRO C 4 8.99 -31.48 37.75
C PRO C 4 7.99 -31.95 38.80
N ILE C 5 7.27 -30.99 39.36
CA ILE C 5 6.22 -31.23 40.33
C ILE C 5 4.89 -30.89 39.65
N PRO C 6 4.23 -31.92 39.08
CA PRO C 6 3.09 -31.67 38.19
C PRO C 6 1.74 -31.51 38.89
N LEU C 7 0.88 -30.69 38.30
CA LEU C 7 -0.54 -30.71 38.64
C LEU C 7 -1.24 -31.55 37.59
N ARG C 8 -1.79 -32.69 38.02
CA ARG C 8 -2.39 -33.64 37.08
C ARG C 8 -3.91 -33.50 36.96
N ASP C 9 -4.56 -33.20 38.08
CA ASP C 9 -6.02 -33.10 38.11
C ASP C 9 -6.50 -31.65 38.03
N VAL C 10 -7.54 -31.42 37.25
CA VAL C 10 -8.12 -30.08 37.11
C VAL C 10 -8.88 -29.69 38.37
N PRO C 11 -8.46 -28.58 39.02
CA PRO C 11 -9.15 -28.08 40.22
C PRO C 11 -10.46 -27.38 39.87
N GLN C 12 -11.47 -27.49 40.72
CA GLN C 12 -12.77 -26.88 40.41
C GLN C 12 -13.44 -26.20 41.61
N SER C 13 -12.75 -26.11 42.74
CA SER C 13 -13.32 -25.45 43.90
C SER C 13 -13.00 -23.96 43.85
N ASN C 14 -13.85 -23.15 44.50
CA ASN C 14 -13.66 -21.71 44.54
C ASN C 14 -14.09 -21.12 45.87
N ILE C 15 -13.20 -20.33 46.48
CA ILE C 15 -13.50 -19.69 47.76
C ILE C 15 -13.69 -18.19 47.64
N PHE C 16 -13.37 -17.63 46.47
CA PHE C 16 -13.39 -16.18 46.29
C PHE C 16 -14.77 -15.67 45.88
N ARG C 17 -15.18 -14.57 46.49
CA ARG C 17 -16.53 -14.07 46.33
C ARG C 17 -16.60 -12.55 46.25
N LYS C 18 -17.80 -12.04 46.01
CA LYS C 18 -18.07 -10.61 46.04
C LYS C 18 -17.58 -10.00 47.35
N GLY C 19 -16.67 -9.04 47.26
CA GLY C 19 -16.12 -8.40 48.44
C GLY C 19 -14.66 -8.71 48.67
N ASP C 20 -14.23 -9.90 48.24
CA ASP C 20 -12.83 -10.28 48.32
C ASP C 20 -12.03 -9.44 47.34
N VAL C 21 -10.72 -9.28 47.59
CA VAL C 21 -9.90 -8.40 46.79
C VAL C 21 -8.78 -9.11 46.04
N PHE C 22 -8.69 -8.87 44.73
CA PHE C 22 -7.62 -9.38 43.89
C PHE C 22 -6.57 -8.30 43.66
N VAL C 23 -5.36 -8.53 44.15
CA VAL C 23 -4.27 -7.56 44.00
C VAL C 23 -3.28 -7.99 42.92
N LEU C 24 -3.10 -7.13 41.91
CA LEU C 24 -2.15 -7.41 40.85
C LEU C 24 -0.80 -6.76 41.13
N PHE C 25 0.13 -7.54 41.67
CA PHE C 25 1.46 -7.04 41.96
C PHE C 25 2.30 -7.03 40.69
N GLY C 26 2.04 -6.04 39.85
CA GLY C 26 2.64 -5.91 38.54
C GLY C 26 1.64 -5.12 37.73
N GLU C 27 2.07 -4.58 36.59
CA GLU C 27 1.19 -3.72 35.81
C GLU C 27 0.95 -4.30 34.42
N LEU C 28 -0.30 -4.21 33.95
CA LEU C 28 -0.76 -4.93 32.74
C LEU C 28 -0.64 -4.17 31.41
N PHE C 29 0.39 -4.52 30.63
CA PHE C 29 0.62 -3.91 29.31
C PHE C 29 0.44 -4.92 28.17
N GLY C 30 -0.69 -4.86 27.47
CA GLY C 30 -0.95 -5.75 26.36
C GLY C 30 -1.46 -7.09 26.86
N ARG C 31 -1.89 -7.96 25.93
CA ARG C 31 -2.48 -9.23 26.31
C ARG C 31 -1.42 -10.27 26.66
N GLY C 32 -1.66 -11.00 27.74
CA GLY C 32 -0.74 -12.02 28.21
C GLY C 32 -1.40 -12.96 29.21
N TYR C 33 -0.58 -13.65 30.00
CA TYR C 33 -1.07 -14.62 30.98
C TYR C 33 -1.98 -14.01 32.03
N ALA C 34 -1.61 -12.82 32.50
CA ALA C 34 -2.29 -12.19 33.62
C ALA C 34 -3.75 -11.85 33.31
N ASN C 35 -4.03 -11.51 32.05
CA ASN C 35 -5.37 -11.11 31.64
C ASN C 35 -6.45 -12.15 31.96
N GLY C 36 -6.17 -13.41 31.65
CA GLY C 36 -7.12 -14.48 31.91
C GLY C 36 -7.37 -14.68 33.40
N LEU C 37 -6.31 -14.56 34.19
CA LEU C 37 -6.43 -14.70 35.63
C LEU C 37 -7.28 -13.57 36.22
N ILE C 38 -6.97 -12.35 35.81
CA ILE C 38 -7.73 -11.18 36.22
C ILE C 38 -9.20 -11.35 35.85
N ASN C 39 -9.46 -11.82 34.64
CA ASN C 39 -10.81 -12.08 34.18
C ASN C 39 -11.52 -13.09 35.08
N GLU C 40 -10.81 -14.16 35.46
CA GLU C 40 -11.36 -15.13 36.39
C GLU C 40 -11.71 -14.47 37.73
N ALA C 41 -10.87 -13.54 38.16
CA ALA C 41 -11.12 -12.83 39.41
C ALA C 41 -12.36 -11.95 39.31
N ARG C 42 -12.51 -11.27 38.17
CA ARG C 42 -13.65 -10.39 37.94
C ARG C 42 -14.95 -11.17 37.90
N ASP C 43 -14.96 -12.27 37.15
CA ASP C 43 -16.15 -13.12 37.04
C ASP C 43 -16.56 -13.69 38.40
N ALA C 44 -15.61 -13.75 39.32
CA ALA C 44 -15.88 -14.26 40.66
C ALA C 44 -16.44 -13.15 41.55
N GLY C 45 -16.42 -11.92 41.04
CA GLY C 45 -16.98 -10.79 41.76
C GLY C 45 -15.99 -10.10 42.67
N MET C 46 -14.72 -10.44 42.54
CA MET C 46 -13.67 -9.86 43.39
C MET C 46 -13.42 -8.40 43.08
N THR C 47 -12.86 -7.68 44.05
CA THR C 47 -12.44 -6.31 43.85
C THR C 47 -11.01 -6.29 43.32
N ILE C 48 -10.78 -5.59 42.22
CA ILE C 48 -9.47 -5.59 41.57
C ILE C 48 -8.56 -4.51 42.18
N GLY C 50 -4.67 -2.70 39.71
CA GLY C 50 -3.80 -3.07 40.82
C GLY C 50 -2.80 -1.99 41.15
N ILE C 51 -1.52 -2.31 41.01
CA ILE C 51 -0.46 -1.34 41.26
C ILE C 51 0.12 -0.81 39.96
N THR C 52 1.01 0.18 40.07
CA THR C 52 1.71 0.71 38.90
C THR C 52 3.22 0.69 39.12
N VAL C 53 3.97 0.69 38.03
CA VAL C 53 5.42 0.68 38.10
C VAL C 53 5.98 2.08 37.85
N PHE C 90 17.64 -2.69 40.23
CA PHE C 90 18.50 -1.61 40.68
C PHE C 90 19.27 -0.99 39.51
N ASP C 91 18.65 -1.00 38.34
CA ASP C 91 19.26 -0.40 37.16
C ASP C 91 18.92 1.08 37.06
N PRO C 99 26.56 6.93 40.07
CA PRO C 99 26.85 6.23 38.80
C PRO C 99 26.08 4.91 38.67
N THR C 100 24.93 4.95 37.99
CA THR C 100 24.10 3.74 37.84
C THR C 100 24.87 2.66 37.10
N PRO C 101 24.54 1.39 37.36
CA PRO C 101 25.14 0.27 36.63
C PRO C 101 24.99 0.43 35.12
N THR C 102 23.88 1.05 34.70
CA THR C 102 23.64 1.35 33.29
C THR C 102 24.75 2.22 32.70
N ASP C 103 25.15 3.20 33.51
CA ASP C 103 26.14 4.19 33.15
C ASP C 103 27.53 3.53 33.07
N LEU C 104 27.71 2.48 33.88
CA LEU C 104 28.93 1.68 33.90
C LEU C 104 29.04 0.87 32.61
N LEU C 105 27.94 0.78 31.88
CA LEU C 105 27.89 0.03 30.62
C LEU C 105 27.81 0.96 29.42
N ALA C 106 27.63 2.26 29.69
CA ALA C 106 27.42 3.26 28.63
C ALA C 106 28.52 3.31 27.58
N ASP C 107 29.73 2.94 27.97
CA ASP C 107 30.88 3.01 27.06
C ASP C 107 31.31 1.65 26.54
N MET C 108 30.47 0.63 26.77
CA MET C 108 30.73 -0.70 26.24
C MET C 108 30.44 -0.73 24.74
N THR C 109 31.28 -1.46 23.99
CA THR C 109 31.12 -1.54 22.54
C THR C 109 31.10 -2.98 22.06
N LEU C 110 30.91 -3.16 20.76
CA LEU C 110 30.86 -4.49 20.15
C LEU C 110 32.13 -5.30 20.38
N LYS C 111 33.27 -4.62 20.36
CA LYS C 111 34.56 -5.30 20.44
C LYS C 111 35.09 -5.43 21.87
N SER C 112 34.53 -4.66 22.80
CA SER C 112 35.07 -4.62 24.15
C SER C 112 34.24 -5.38 25.19
N TRP C 113 32.93 -5.42 24.99
CA TRP C 113 32.00 -5.85 26.06
C TRP C 113 32.31 -7.21 26.68
N GLN C 114 32.83 -8.14 25.88
CA GLN C 114 33.06 -9.49 26.38
C GLN C 114 34.20 -9.56 27.38
N ASP C 115 35.19 -8.68 27.22
CA ASP C 115 36.36 -8.70 28.08
C ASP C 115 36.35 -7.55 29.09
N ASP C 116 35.37 -6.67 28.99
CA ASP C 116 35.26 -5.53 29.90
C ASP C 116 35.00 -5.98 31.33
N LYS C 117 35.81 -5.48 32.26
CA LYS C 117 35.59 -5.73 33.68
C LYS C 117 34.76 -4.59 34.27
N LEU C 118 34.05 -4.89 35.36
CA LEU C 118 33.22 -3.89 36.02
C LEU C 118 33.59 -3.75 37.49
N ASP C 119 33.28 -2.59 38.06
CA ASP C 119 33.55 -2.32 39.47
C ASP C 119 32.42 -2.82 40.35
N TRP C 120 32.52 -4.07 40.79
CA TRP C 120 31.47 -4.71 41.56
C TRP C 120 31.24 -4.02 42.90
N ALA C 155 -8.02 -12.57 50.28
CA ALA C 155 -7.16 -11.74 49.43
C ALA C 155 -6.32 -12.59 48.50
N PHE C 156 -6.10 -12.08 47.28
CA PHE C 156 -5.34 -12.79 46.26
C PHE C 156 -4.29 -11.86 45.66
N PHE C 157 -3.02 -12.06 46.04
CA PHE C 157 -1.92 -11.32 45.45
C PHE C 157 -1.35 -12.07 44.25
N ALA C 158 -1.39 -11.45 43.08
CA ALA C 158 -0.85 -12.09 41.87
C ALA C 158 0.42 -11.39 41.38
N HIS C 159 1.55 -12.04 41.61
CA HIS C 159 2.86 -11.52 41.20
C HIS C 159 3.10 -11.76 39.72
N THR C 160 3.43 -10.70 38.97
CA THR C 160 3.69 -10.83 37.54
C THR C 160 4.98 -10.13 37.11
N MET C 161 5.74 -9.64 38.08
CA MET C 161 6.98 -8.91 37.76
C MET C 161 8.05 -9.84 37.22
N ALA C 162 8.68 -9.43 36.11
CA ALA C 162 9.75 -10.19 35.49
C ALA C 162 10.54 -9.30 34.53
N GLY C 163 11.83 -9.61 34.37
CA GLY C 163 12.69 -8.86 33.49
C GLY C 163 13.96 -8.42 34.20
N GLY C 164 14.43 -7.21 33.89
CA GLY C 164 15.61 -6.68 34.52
C GLY C 164 16.73 -6.35 33.55
N ILE C 165 16.41 -6.27 32.27
CA ILE C 165 17.39 -5.91 31.26
C ILE C 165 17.64 -4.41 31.25
N PRO C 166 18.87 -3.98 31.58
CA PRO C 166 19.22 -2.56 31.58
C PRO C 166 19.41 -2.01 30.17
N LYS C 167 19.15 -0.72 29.98
CA LYS C 167 19.35 -0.07 28.69
C LYS C 167 20.83 -0.05 28.34
N VAL C 168 21.20 -0.87 27.35
CA VAL C 168 22.58 -0.96 26.89
C VAL C 168 22.59 -1.01 25.37
N LYS C 169 23.25 -0.04 24.74
CA LYS C 169 23.24 0.07 23.27
C LYS C 169 23.71 -1.21 22.57
N VAL C 170 24.66 -1.90 23.19
CA VAL C 170 25.27 -3.08 22.58
C VAL C 170 24.41 -4.34 22.75
N PHE C 171 23.41 -4.28 23.62
CA PHE C 171 22.69 -5.49 24.02
C PHE C 171 21.90 -6.16 22.90
N LEU C 172 21.28 -5.37 22.02
CA LEU C 172 20.44 -5.95 20.98
C LEU C 172 21.23 -6.73 19.94
N ALA C 173 22.44 -6.29 19.61
CA ALA C 173 23.27 -7.04 18.68
C ALA C 173 23.65 -8.39 19.27
N ILE C 174 24.08 -8.35 20.54
CA ILE C 174 24.41 -9.54 21.31
C ILE C 174 23.25 -10.53 21.33
N ALA C 175 22.09 -10.03 21.73
CA ALA C 175 20.89 -10.84 21.84
C ALA C 175 20.46 -11.40 20.49
N ASN C 176 20.55 -10.59 19.45
CA ASN C 176 20.20 -11.05 18.10
C ASN C 176 21.06 -12.22 17.68
N ARG C 177 22.35 -12.14 18.00
CA ARG C 177 23.25 -13.25 17.69
C ARG C 177 22.95 -14.49 18.55
N ILE C 178 22.72 -14.30 19.83
CA ILE C 178 22.43 -15.43 20.73
C ILE C 178 21.14 -16.17 20.36
N TYR C 179 20.08 -15.42 20.11
CA TYR C 179 18.75 -15.98 19.85
C TYR C 179 18.51 -16.42 18.41
N LYS C 180 19.08 -15.70 17.45
CA LYS C 180 18.70 -15.89 16.06
C LYS C 180 19.87 -16.21 15.12
N GLY C 181 21.09 -16.20 15.65
CA GLY C 181 22.28 -16.35 14.83
C GLY C 181 22.66 -17.79 14.49
N ARG C 182 23.01 -18.02 13.22
CA ARG C 182 23.52 -19.31 12.77
C ARG C 182 24.84 -19.14 12.04
N GLY C 183 25.62 -20.21 11.95
CA GLY C 183 26.90 -20.18 11.28
C GLY C 183 27.91 -19.30 12.01
N GLU C 184 28.46 -18.32 11.29
CA GLU C 184 29.43 -17.41 11.88
C GLU C 184 28.70 -16.42 12.79
N ARG C 185 27.39 -16.29 12.57
CA ARG C 185 26.55 -15.40 13.36
C ARG C 185 26.17 -16.02 14.71
N PHE C 186 26.38 -17.33 14.84
CA PHE C 186 26.08 -18.01 16.09
C PHE C 186 26.88 -17.44 17.25
N LEU C 187 26.22 -17.32 18.40
CA LEU C 187 26.87 -16.84 19.61
C LEU C 187 26.28 -17.54 20.82
N SER C 188 27.14 -18.18 21.62
CA SER C 188 26.69 -18.86 22.82
C SER C 188 26.15 -17.88 23.86
N SER C 189 25.09 -18.29 24.56
CA SER C 189 24.57 -17.50 25.68
C SER C 189 25.62 -17.41 26.79
N SER C 190 26.50 -18.41 26.83
CA SER C 190 27.60 -18.44 27.78
C SER C 190 28.56 -17.28 27.55
N ALA C 191 28.64 -16.80 26.32
CA ALA C 191 29.51 -15.67 26.02
C ALA C 191 29.01 -14.43 26.74
N LEU C 192 27.70 -14.31 26.86
CA LEU C 192 27.11 -13.22 27.61
C LEU C 192 27.26 -13.45 29.11
N LEU C 193 26.89 -14.65 29.57
CA LEU C 193 26.86 -14.92 31.00
C LEU C 193 28.25 -14.94 31.66
N ASN C 194 29.28 -15.30 30.89
CA ASN C 194 30.64 -15.37 31.41
C ASN C 194 31.27 -13.98 31.54
N SER C 195 30.78 -13.04 30.74
CA SER C 195 31.25 -11.66 30.83
C SER C 195 30.62 -10.98 32.04
N ASP C 196 31.18 -9.85 32.45
CA ASP C 196 30.68 -9.13 33.62
C ASP C 196 29.32 -8.48 33.33
N LEU C 197 29.11 -8.10 32.07
CA LEU C 197 27.82 -7.57 31.62
C LEU C 197 26.70 -8.57 31.94
N GLY C 198 26.93 -9.81 31.52
CA GLY C 198 25.98 -10.88 31.78
C GLY C 198 25.78 -11.15 33.25
N LYS C 199 26.84 -11.02 34.04
CA LYS C 199 26.74 -11.24 35.48
C LYS C 199 25.86 -10.18 36.13
N LEU C 200 26.06 -8.92 35.74
CA LEU C 200 25.21 -7.83 36.22
C LEU C 200 23.76 -8.07 35.84
N ILE C 201 23.55 -8.48 34.59
CA ILE C 201 22.22 -8.79 34.10
C ILE C 201 21.57 -9.89 34.93
N LEU C 202 22.32 -10.94 35.24
CA LEU C 202 21.81 -12.04 36.04
C LEU C 202 21.43 -11.59 37.45
N MET C 203 22.25 -10.70 38.02
CA MET C 203 21.93 -10.12 39.33
C MET C 203 20.60 -9.38 39.28
N ASN C 204 20.42 -8.57 38.23
CA ASN C 204 19.19 -7.80 38.08
C ASN C 204 17.98 -8.71 37.83
N PHE C 205 18.21 -9.82 37.14
CA PHE C 205 17.19 -10.85 36.95
C PHE C 205 16.75 -11.40 38.30
N ASP C 206 17.73 -11.76 39.12
CA ASP C 206 17.43 -12.24 40.47
C ASP C 206 16.60 -11.22 41.23
N GLU C 207 16.94 -9.95 41.11
CA GLU C 207 16.21 -8.92 41.84
C GLU C 207 14.77 -8.72 41.36
N VAL C 208 14.58 -8.62 40.04
CA VAL C 208 13.26 -8.30 39.49
C VAL C 208 12.32 -9.50 39.42
N THR C 209 12.84 -10.61 38.92
CA THR C 209 12.04 -11.79 38.62
C THR C 209 11.77 -12.64 39.87
N ALA C 210 12.70 -12.60 40.82
CA ALA C 210 12.58 -13.46 42.00
C ALA C 210 12.31 -12.69 43.29
N ASN C 211 13.26 -11.84 43.69
CA ASN C 211 13.21 -11.20 45.00
C ASN C 211 12.00 -10.30 45.23
N THR C 212 11.43 -9.78 44.15
CA THR C 212 10.23 -8.96 44.25
C THR C 212 9.07 -9.73 44.88
N PHE C 213 9.04 -11.03 44.64
CA PHE C 213 8.04 -11.91 45.23
C PHE C 213 8.22 -11.99 46.74
N LEU C 214 9.47 -12.15 47.17
CA LEU C 214 9.81 -12.20 48.58
C LEU C 214 9.46 -10.89 49.27
N HIS C 215 9.69 -9.79 48.57
CA HIS C 215 9.36 -8.46 49.10
C HIS C 215 7.84 -8.28 49.18
N LEU C 216 7.12 -8.91 48.26
CA LEU C 216 5.67 -8.91 48.30
C LEU C 216 5.16 -9.65 49.53
N ILE C 217 5.74 -10.83 49.78
CA ILE C 217 5.34 -11.68 50.88
C ILE C 217 5.67 -11.05 52.24
N GLU C 218 6.92 -10.62 52.42
CA GLU C 218 7.35 -9.99 53.66
C GLU C 218 6.67 -8.64 53.87
N GLY C 219 6.34 -7.97 52.77
CA GLY C 219 5.70 -6.66 52.82
C GLY C 219 4.22 -6.74 53.12
N SER C 220 3.62 -7.90 52.83
CA SER C 220 2.19 -8.09 53.05
C SER C 220 1.87 -8.72 54.41
N ALA C 221 2.89 -8.85 55.25
CA ALA C 221 2.80 -9.61 56.50
C ALA C 221 1.63 -9.21 57.41
N ALA C 222 1.50 -7.92 57.69
CA ALA C 222 0.47 -7.43 58.60
C ALA C 222 -0.93 -7.73 58.07
N ILE C 223 -1.15 -7.36 56.80
CA ILE C 223 -2.40 -7.60 56.11
C ILE C 223 -2.76 -9.09 56.17
N ARG C 224 -1.78 -9.93 55.86
CA ARG C 224 -1.97 -11.38 55.88
C ARG C 224 -2.40 -11.86 57.26
N ALA C 225 -1.64 -11.47 58.28
CA ALA C 225 -1.92 -11.90 59.65
C ALA C 225 -3.32 -11.52 60.11
N ARG C 226 -3.66 -10.25 59.92
CA ARG C 226 -4.95 -9.75 60.38
C ARG C 226 -6.11 -10.37 59.61
N LEU C 227 -5.95 -10.53 58.29
CA LEU C 227 -6.98 -11.19 57.50
C LEU C 227 -7.15 -12.65 57.93
N GLU C 228 -6.05 -13.28 58.32
CA GLU C 228 -6.08 -14.67 58.76
C GLU C 228 -6.79 -14.80 60.10
N LYS C 229 -6.62 -13.81 60.97
CA LYS C 229 -7.25 -13.87 62.29
C LYS C 229 -8.75 -13.60 62.26
N SER C 230 -9.26 -13.18 61.10
CA SER C 230 -10.69 -13.06 60.90
C SER C 230 -11.20 -14.13 59.93
N GLN C 233 -8.76 -15.79 54.03
CA GLN C 233 -7.90 -16.70 53.24
C GLN C 233 -7.11 -15.87 52.23
N VAL C 234 -5.79 -16.01 52.31
CA VAL C 234 -4.88 -15.16 51.55
C VAL C 234 -3.91 -16.01 50.75
N ARG C 235 -3.82 -15.70 49.46
CA ARG C 235 -3.00 -16.49 48.55
C ARG C 235 -2.00 -15.61 47.84
N TYR C 236 -0.85 -16.21 47.50
CA TYR C 236 0.12 -15.56 46.63
C TYR C 236 0.38 -16.46 45.45
N SER C 237 0.34 -15.89 44.25
CA SER C 237 0.69 -16.65 43.06
C SER C 237 1.79 -15.94 42.29
N ALA C 238 2.56 -16.72 41.53
CA ALA C 238 3.60 -16.17 40.68
C ALA C 238 3.67 -16.99 39.41
N TYR C 239 4.05 -16.34 38.31
CA TYR C 239 4.26 -17.04 37.04
C TYR C 239 5.70 -17.51 36.93
N GLY C 240 5.87 -18.79 36.61
CA GLY C 240 7.20 -19.31 36.42
C GLY C 240 7.36 -19.92 35.04
N TYR C 241 8.60 -20.21 34.68
CA TYR C 241 8.89 -21.09 33.56
C TYR C 241 10.05 -21.96 33.95
N HIS C 242 9.91 -23.26 33.73
CA HIS C 242 10.93 -24.23 34.12
C HIS C 242 10.78 -25.46 33.25
N GLY C 243 10.53 -25.22 31.96
CA GLY C 243 10.26 -26.29 31.02
C GLY C 243 8.85 -26.82 31.22
N THR C 244 8.44 -27.67 30.29
CA THR C 244 7.05 -28.10 30.21
C THR C 244 6.98 -29.52 29.66
N GLU C 245 6.09 -30.33 30.22
CA GLU C 245 5.84 -31.67 29.68
C GLU C 245 4.93 -31.59 28.46
N ILE C 246 5.39 -32.13 27.33
CA ILE C 246 4.59 -32.12 26.12
C ILE C 246 4.57 -33.52 25.51
N LEU C 247 3.67 -33.75 24.55
CA LEU C 247 3.53 -35.08 23.98
C LEU C 247 4.66 -35.43 23.04
N ILE C 248 5.51 -36.35 23.48
CA ILE C 248 6.56 -36.92 22.68
C ILE C 248 6.39 -38.44 22.73
N ASP C 249 6.31 -39.07 21.57
CA ASP C 249 6.03 -40.51 21.46
C ASP C 249 4.80 -40.90 22.28
N ASP C 250 3.73 -40.13 22.12
CA ASP C 250 2.46 -40.34 22.80
C ASP C 250 2.59 -40.42 24.33
N LYS C 251 3.63 -39.80 24.87
CA LYS C 251 3.74 -39.71 26.32
C LYS C 251 4.22 -38.32 26.71
N TYR C 252 3.73 -37.82 27.84
CA TYR C 252 4.10 -36.47 28.28
C TYR C 252 5.50 -36.47 28.88
N GLN C 253 6.41 -35.75 28.22
CA GLN C 253 7.79 -35.68 28.67
C GLN C 253 8.25 -34.25 28.82
N TRP C 254 9.02 -34.00 29.88
CA TRP C 254 9.56 -32.68 30.13
C TRP C 254 10.55 -32.28 29.06
N GLN C 255 10.40 -31.06 28.55
CA GLN C 255 11.41 -30.47 27.68
C GLN C 255 11.47 -29.00 27.98
N THR C 256 12.27 -28.26 27.21
CA THR C 256 12.39 -26.83 27.44
C THR C 256 12.84 -26.10 26.20
N TYR C 257 12.59 -24.80 26.18
CA TYR C 257 13.28 -23.92 25.26
C TYR C 257 14.68 -23.65 25.83
N THR C 258 15.67 -23.69 24.96
CA THR C 258 17.05 -23.39 25.30
C THR C 258 17.51 -22.28 24.36
N SER C 259 18.19 -21.25 24.88
CA SER C 259 18.59 -21.14 26.28
C SER C 259 17.77 -20.09 27.04
N TYR C 260 17.20 -20.49 28.16
CA TYR C 260 16.35 -19.62 28.96
C TYR C 260 17.16 -18.96 30.07
N THR C 261 17.58 -17.72 29.84
CA THR C 261 18.52 -17.05 30.72
C THR C 261 17.92 -16.60 32.06
N GLN C 262 16.60 -16.43 32.09
CA GLN C 262 15.90 -16.10 33.32
C GLN C 262 15.75 -17.32 34.24
N GLY C 263 16.29 -18.45 33.81
CA GLY C 263 16.12 -19.71 34.52
C GLY C 263 16.58 -19.73 35.96
N LYS C 264 17.78 -19.22 36.21
CA LYS C 264 18.34 -19.20 37.56
C LYS C 264 17.44 -18.39 38.48
N ALA C 265 16.94 -17.26 37.96
CA ALA C 265 16.06 -16.38 38.70
C ALA C 265 14.71 -17.04 38.96
N LYS C 266 14.24 -17.81 38.00
CA LYS C 266 12.96 -18.52 38.16
C LYS C 266 13.07 -19.60 39.23
N MET C 267 14.23 -20.25 39.28
CA MET C 267 14.46 -21.26 40.32
C MET C 267 14.61 -20.57 41.68
N ARG C 268 15.18 -19.37 41.69
CA ARG C 268 15.23 -18.58 42.93
C ARG C 268 13.82 -18.22 43.40
N LEU C 269 12.96 -17.88 42.45
CA LEU C 269 11.56 -17.58 42.70
C LEU C 269 10.87 -18.79 43.36
N GLU C 270 11.09 -19.95 42.76
CA GLU C 270 10.60 -21.20 43.33
C GLU C 270 11.07 -21.41 44.77
N ARG C 271 12.36 -21.20 45.00
CA ARG C 271 12.93 -21.35 46.33
C ARG C 271 12.30 -20.39 47.34
N ILE C 272 11.97 -19.18 46.87
CA ILE C 272 11.28 -18.22 47.71
C ILE C 272 9.91 -18.75 48.11
N ALA C 273 9.15 -19.23 47.13
CA ALA C 273 7.83 -19.82 47.41
C ALA C 273 7.92 -20.99 48.38
N GLU C 274 8.93 -21.84 48.21
CA GLU C 274 9.11 -23.02 49.05
C GLU C 274 9.46 -22.62 50.48
N ASP C 275 10.33 -21.61 50.62
CA ASP C 275 10.67 -21.05 51.92
C ASP C 275 9.43 -20.53 52.62
N ALA C 276 8.62 -19.76 51.88
CA ALA C 276 7.39 -19.21 52.43
C ALA C 276 6.41 -20.31 52.84
N TRP C 277 6.33 -21.34 52.01
CA TRP C 277 5.44 -22.46 52.27
C TRP C 277 5.89 -23.23 53.50
N ALA C 283 1.47 -19.39 49.04
CA ALA C 283 2.40 -18.91 48.01
C ALA C 283 2.77 -20.01 47.02
N THR C 284 2.43 -19.82 45.76
CA THR C 284 2.66 -20.85 44.74
C THR C 284 3.18 -20.28 43.41
N VAL C 285 4.28 -20.86 42.92
CA VAL C 285 4.77 -20.55 41.59
C VAL C 285 4.17 -21.54 40.61
N TYR C 286 3.53 -21.03 39.57
CA TYR C 286 2.99 -21.87 38.50
C TYR C 286 3.90 -21.82 37.28
N ASN C 287 4.57 -22.95 37.05
CA ASN C 287 5.42 -23.09 35.87
C ASN C 287 4.56 -23.39 34.65
N CYS C 288 4.35 -22.38 33.82
CA CYS C 288 3.43 -22.42 32.70
C CYS C 288 4.11 -22.78 31.39
N PRO C 289 3.32 -23.23 30.38
CA PRO C 289 3.89 -23.63 29.10
C PRO C 289 4.57 -22.52 28.32
N GLU C 290 5.38 -22.92 27.34
CA GLU C 290 5.89 -22.01 26.35
C GLU C 290 4.72 -21.40 25.60
N ILE C 291 4.77 -20.09 25.37
CA ILE C 291 3.84 -19.44 24.46
C ILE C 291 4.62 -18.47 23.60
N ARG C 292 4.01 -18.02 22.51
CA ARG C 292 4.61 -16.99 21.67
C ARG C 292 3.53 -16.18 20.97
N THR C 293 3.00 -15.19 21.68
CA THR C 293 1.90 -14.39 21.17
C THR C 293 2.37 -13.43 20.06
N ASN C 294 3.66 -13.12 20.07
CA ASN C 294 4.25 -12.29 19.03
C ASN C 294 5.41 -13.01 18.34
N SER C 295 5.14 -13.62 17.20
CA SER C 295 6.16 -14.39 16.51
C SER C 295 7.15 -13.50 15.76
N SER C 296 7.01 -12.18 15.91
CA SER C 296 7.98 -11.26 15.38
C SER C 296 9.00 -10.86 16.46
N ASP C 297 8.90 -11.45 17.64
CA ASP C 297 9.87 -11.15 18.68
C ASP C 297 11.14 -11.96 18.46
N ILE C 298 12.08 -11.84 19.39
CA ILE C 298 13.43 -12.38 19.20
C ILE C 298 13.52 -13.87 19.52
N PHE C 299 12.50 -14.41 20.17
CA PHE C 299 12.60 -15.77 20.71
C PHE C 299 12.24 -16.84 19.69
N VAL C 300 12.99 -16.89 18.60
CA VAL C 300 12.75 -17.87 17.55
C VAL C 300 12.89 -19.31 18.06
N GLY C 301 11.82 -20.08 17.95
CA GLY C 301 11.88 -21.48 18.28
C GLY C 301 11.20 -21.88 19.59
N VAL C 302 10.85 -20.91 20.42
CA VAL C 302 10.13 -21.24 21.65
C VAL C 302 8.78 -21.87 21.27
N GLU C 303 8.19 -21.35 20.20
CA GLU C 303 6.88 -21.79 19.74
C GLU C 303 6.87 -23.27 19.33
N LEU C 304 8.06 -23.82 19.06
CA LEU C 304 8.15 -25.22 18.66
C LEU C 304 7.62 -26.14 19.75
N SER C 305 7.69 -25.68 21.00
CA SER C 305 7.23 -26.53 22.11
C SER C 305 5.70 -26.61 22.16
N LEU C 306 5.05 -25.69 21.46
CA LEU C 306 3.62 -25.48 21.55
C LEU C 306 2.79 -26.46 20.72
N PHE C 307 3.29 -26.82 19.55
CA PHE C 307 2.52 -27.63 18.59
C PHE C 307 1.93 -28.95 19.12
N PRO C 308 2.70 -29.75 19.89
CA PRO C 308 2.11 -30.98 20.41
C PRO C 308 0.83 -30.80 21.24
N LEU C 309 0.55 -29.58 21.69
CA LEU C 309 -0.69 -29.31 22.40
C LEU C 309 -1.89 -29.79 21.59
N LEU C 310 -1.83 -29.65 20.27
CA LEU C 310 -2.89 -30.14 19.40
C LEU C 310 -3.21 -31.60 19.71
N LYS C 311 -2.17 -32.44 19.75
CA LYS C 311 -2.37 -33.86 20.04
C LYS C 311 -2.97 -34.03 21.43
N ALA C 312 -2.48 -33.24 22.38
CA ALA C 312 -2.99 -33.29 23.74
C ALA C 312 -4.49 -33.03 23.74
N LEU C 313 -4.91 -32.07 22.91
CA LEU C 313 -6.32 -31.70 22.84
C LEU C 313 -7.17 -32.91 22.47
N LYS C 314 -6.65 -33.74 21.57
CA LYS C 314 -7.40 -34.92 21.16
C LYS C 314 -7.21 -36.04 22.18
N LYS C 315 -6.04 -36.09 22.78
CA LYS C 315 -5.70 -37.21 23.67
C LYS C 315 -6.52 -37.16 24.93
N GLU C 316 -6.68 -35.97 25.47
CA GLU C 316 -7.43 -35.78 26.70
C GLU C 316 -8.91 -35.56 26.41
N ASN C 317 -9.54 -36.55 25.75
CA ASN C 317 -10.99 -36.60 25.80
C ASN C 317 -11.64 -35.44 25.07
N GLY C 318 -10.99 -35.08 23.97
CA GLY C 318 -11.41 -33.99 23.12
C GLY C 318 -12.64 -34.27 22.29
N GLY C 319 -13.43 -33.21 22.09
CA GLY C 319 -14.70 -33.31 21.40
C GLY C 319 -14.76 -32.39 20.19
N ALA C 320 -15.91 -31.76 20.01
CA ALA C 320 -16.14 -30.91 18.86
C ALA C 320 -15.23 -29.69 18.87
N TRP C 321 -15.06 -29.10 20.04
CA TRP C 321 -14.27 -27.88 20.18
C TRP C 321 -12.82 -28.11 19.76
N ALA C 322 -12.23 -29.22 20.22
CA ALA C 322 -10.86 -29.56 19.90
C ALA C 322 -10.68 -29.69 18.39
N GLU C 323 -11.62 -30.38 17.75
CA GLU C 323 -11.60 -30.55 16.31
C GLU C 323 -11.72 -29.20 15.61
N ALA C 324 -12.50 -28.29 16.19
CA ALA C 324 -12.62 -26.95 15.65
C ALA C 324 -11.29 -26.21 15.75
N GLN C 325 -10.52 -26.52 16.79
CA GLN C 325 -9.19 -25.94 16.94
C GLN C 325 -8.26 -26.47 15.85
N TRP C 326 -8.30 -27.78 15.64
CA TRP C 326 -7.52 -28.40 14.56
C TRP C 326 -7.86 -27.78 13.21
N GLN C 327 -9.15 -27.60 12.95
CA GLN C 327 -9.62 -27.00 11.71
C GLN C 327 -9.08 -25.57 11.55
N ALA C 328 -9.21 -24.80 12.63
CA ALA C 328 -8.70 -23.43 12.66
C ALA C 328 -7.23 -23.40 12.27
N CYS C 329 -6.46 -24.36 12.80
CA CYS C 329 -5.04 -24.44 12.47
C CYS C 329 -4.82 -24.89 11.01
N ARG C 330 -5.74 -25.67 10.47
CA ARG C 330 -5.66 -26.08 9.08
C ARG C 330 -5.82 -24.88 8.16
N GLU C 331 -6.74 -23.98 8.51
CA GLU C 331 -7.12 -22.88 7.64
C GLU C 331 -5.98 -21.90 7.32
N VAL C 332 -4.98 -21.80 8.20
CA VAL C 332 -3.94 -20.80 8.04
C VAL C 332 -2.74 -21.28 7.20
N LEU C 333 -2.72 -22.57 6.89
CA LEU C 333 -1.60 -23.14 6.12
C LEU C 333 -1.78 -22.96 4.63
N HIS C 337 0.80 -27.79 1.97
CA HIS C 337 1.21 -28.05 3.34
C HIS C 337 0.03 -28.51 4.20
N THR C 338 0.21 -29.62 4.91
CA THR C 338 -0.82 -30.16 5.77
C THR C 338 -0.42 -30.05 7.23
N LEU C 339 -1.41 -29.99 8.11
CA LEU C 339 -1.17 -29.88 9.55
C LEU C 339 -0.46 -31.13 10.07
N GLU C 340 -0.81 -32.28 9.49
CA GLU C 340 -0.16 -33.54 9.83
C GLU C 340 1.31 -33.50 9.48
N SER C 341 1.64 -32.82 8.39
CA SER C 341 3.03 -32.69 7.98
C SER C 341 3.82 -31.83 8.96
N LEU C 342 3.20 -30.73 9.40
CA LEU C 342 3.78 -29.85 10.40
C LEU C 342 4.06 -30.62 11.69
N LEU C 343 3.02 -31.26 12.22
CA LEU C 343 3.14 -32.04 13.44
C LEU C 343 4.18 -33.14 13.30
N GLN C 344 4.27 -33.72 12.11
CA GLN C 344 5.27 -34.74 11.84
C GLN C 344 6.68 -34.15 11.91
N LYS C 345 6.82 -32.93 11.40
CA LYS C 345 8.11 -32.24 11.50
C LYS C 345 8.48 -31.99 12.96
N ILE C 346 7.47 -31.69 13.77
CA ILE C 346 7.71 -31.50 15.21
C ILE C 346 8.12 -32.82 15.87
N ASP C 347 7.48 -33.91 15.47
CA ASP C 347 7.85 -35.24 15.97
C ASP C 347 9.30 -35.56 15.63
N ASP C 348 9.68 -35.28 14.39
CA ASP C 348 11.06 -35.46 13.94
C ASP C 348 12.01 -34.59 14.74
N TYR C 349 11.57 -33.37 15.04
CA TYR C 349 12.33 -32.42 15.85
C TYR C 349 12.65 -33.01 17.23
N ASN C 350 11.61 -33.47 17.92
CA ASN C 350 11.79 -34.02 19.25
C ASN C 350 12.44 -35.41 19.23
N ALA C 351 12.51 -36.01 18.05
CA ALA C 351 13.13 -37.32 17.90
C ALA C 351 14.63 -37.22 17.67
N SER C 352 15.07 -36.06 17.21
CA SER C 352 16.50 -35.83 16.92
C SER C 352 17.34 -35.99 18.17
N ASP C 353 18.56 -36.50 18.01
CA ASP C 353 19.47 -36.69 19.13
C ASP C 353 19.85 -35.35 19.75
N VAL C 354 20.05 -34.36 18.88
CA VAL C 354 20.40 -33.01 19.32
C VAL C 354 19.39 -32.46 20.31
N MET C 355 18.11 -32.53 19.95
CA MET C 355 17.06 -32.01 20.81
C MET C 355 16.88 -32.86 22.07
N LYS C 356 17.14 -34.16 21.96
CA LYS C 356 17.01 -35.04 23.11
C LYS C 356 18.10 -34.73 24.13
N GLY C 357 19.24 -34.25 23.65
CA GLY C 357 20.32 -33.86 24.54
C GLY C 357 19.94 -32.72 25.46
N PHE C 358 18.94 -31.93 25.06
CA PHE C 358 18.52 -30.76 25.84
C PHE C 358 17.39 -31.08 26.81
N ARG C 359 16.96 -32.33 26.85
CA ARG C 359 15.96 -32.75 27.83
C ARG C 359 16.66 -33.19 29.12
N ASN C 360 17.56 -32.34 29.59
CA ASN C 360 18.32 -32.56 30.81
C ASN C 360 17.85 -31.59 31.90
N PHE C 361 17.06 -32.10 32.84
CA PHE C 361 16.42 -31.25 33.83
C PHE C 361 17.42 -30.66 34.83
N GLU C 362 18.41 -31.45 35.22
CA GLU C 362 19.37 -31.01 36.24
C GLU C 362 20.32 -29.92 35.72
N ALA C 363 20.59 -29.95 34.42
CA ALA C 363 21.53 -29.00 33.81
C ALA C 363 20.83 -27.71 33.37
N TRP C 364 19.52 -27.67 33.59
CA TRP C 364 18.70 -26.54 33.18
C TRP C 364 19.00 -25.26 33.98
N PRO C 365 19.09 -24.12 33.29
CA PRO C 365 19.04 -23.97 31.83
C PRO C 365 20.39 -24.21 31.18
N MET C 366 20.40 -24.90 30.05
CA MET C 366 21.63 -25.24 29.34
C MET C 366 22.03 -24.16 28.36
N PRO C 367 23.34 -24.03 28.11
CA PRO C 367 23.79 -23.09 27.07
C PRO C 367 23.37 -23.56 25.68
N ASN C 368 23.03 -22.62 24.81
CA ASN C 368 22.69 -22.96 23.44
C ASN C 368 23.92 -23.43 22.66
N THR C 369 23.69 -24.17 21.58
CA THR C 369 24.78 -24.63 20.73
C THR C 369 24.51 -24.30 19.27
N ALA C 370 25.56 -24.34 18.46
CA ALA C 370 25.44 -24.04 17.03
C ALA C 370 24.51 -25.04 16.35
N GLU C 371 24.61 -26.29 16.77
CA GLU C 371 23.74 -27.34 16.25
C GLU C 371 22.28 -27.07 16.62
N LEU C 372 22.07 -26.68 17.87
CA LEU C 372 20.75 -26.28 18.33
C LEU C 372 20.21 -25.12 17.51
N ALA C 373 21.06 -24.13 17.27
CA ALA C 373 20.68 -22.99 16.43
C ALA C 373 20.22 -23.48 15.06
N ASP C 374 21.01 -24.35 14.46
CA ASP C 374 20.70 -24.92 13.16
C ASP C 374 19.32 -25.56 13.12
N ILE C 375 19.10 -26.53 14.01
CA ILE C 375 17.87 -27.32 13.92
C ILE C 375 16.64 -26.52 14.40
N MET C 376 16.79 -25.72 15.45
CA MET C 376 15.67 -24.96 16.01
C MET C 376 15.25 -23.82 15.10
N ILE C 377 16.21 -22.98 14.70
CA ILE C 377 15.89 -21.85 13.83
C ILE C 377 15.48 -22.36 12.45
N GLY C 378 16.18 -23.39 11.97
CA GLY C 378 15.82 -24.04 10.73
C GLY C 378 14.36 -24.45 10.75
N THR C 379 14.03 -25.37 11.66
CA THR C 379 12.67 -25.91 11.78
C THR C 379 11.61 -24.82 11.93
N SER C 380 11.87 -23.87 12.83
CA SER C 380 10.96 -22.76 13.05
C SER C 380 10.69 -22.01 11.75
N ASP C 381 11.74 -21.72 11.00
CA ASP C 381 11.61 -21.04 9.72
C ASP C 381 10.80 -21.84 8.70
N GLU C 382 11.09 -23.14 8.57
CA GLU C 382 10.34 -23.97 7.61
C GLU C 382 8.85 -23.96 7.92
N ILE C 383 8.52 -24.24 9.19
CA ILE C 383 7.13 -24.27 9.62
C ILE C 383 6.46 -22.92 9.41
N THR C 384 7.17 -21.84 9.68
CA THR C 384 6.64 -20.51 9.39
C THR C 384 6.33 -20.38 7.90
N LYS C 385 7.23 -20.89 7.07
CA LYS C 385 7.06 -20.81 5.61
C LYS C 385 5.94 -21.71 5.11
N MET C 386 5.44 -22.59 5.97
CA MET C 386 4.26 -23.40 5.61
C MET C 386 2.96 -22.61 5.58
N HIS C 387 2.96 -21.41 6.16
CA HIS C 387 1.73 -20.65 6.31
C HIS C 387 1.43 -19.76 5.10
N LYS C 388 0.15 -19.44 4.92
CA LYS C 388 -0.27 -18.50 3.89
C LYS C 388 0.36 -17.13 4.16
N SER C 389 0.34 -16.74 5.42
CA SER C 389 0.83 -15.42 5.80
C SER C 389 1.30 -15.42 7.26
N ARG C 390 2.34 -14.64 7.54
CA ARG C 390 2.97 -14.62 8.85
C ARG C 390 2.12 -13.93 9.91
N ASP C 391 1.05 -13.26 9.50
CA ASP C 391 0.18 -12.57 10.46
C ASP C 391 -0.92 -13.50 10.96
N ALA C 392 -0.92 -14.74 10.48
CA ALA C 392 -1.90 -15.74 10.90
C ALA C 392 -1.25 -17.10 11.03
N LEU C 393 -0.81 -17.44 12.24
CA LEU C 393 -0.03 -18.65 12.47
C LEU C 393 -0.73 -19.64 13.39
N VAL C 394 -0.33 -20.90 13.30
CA VAL C 394 -0.82 -21.93 14.20
C VAL C 394 -0.50 -21.58 15.65
N THR C 395 0.69 -21.04 15.87
CA THR C 395 1.14 -20.70 17.22
C THR C 395 0.35 -19.53 17.82
N ASP C 396 -0.27 -18.71 16.98
CA ASP C 396 -1.16 -17.67 17.49
C ASP C 396 -2.35 -18.33 18.19
N VAL C 397 -3.00 -19.24 17.47
CA VAL C 397 -4.12 -20.00 18.01
C VAL C 397 -3.72 -20.77 19.27
N LEU C 398 -2.65 -21.55 19.19
CA LEU C 398 -2.24 -22.38 20.31
C LEU C 398 -1.83 -21.56 21.53
N SER C 399 -1.13 -20.44 21.30
CA SER C 399 -0.77 -19.55 22.42
C SER C 399 -2.02 -19.03 23.11
N ALA C 400 -2.99 -18.60 22.30
CA ALA C 400 -4.27 -18.14 22.84
C ALA C 400 -4.93 -19.21 23.70
N LEU C 401 -4.89 -20.46 23.21
CA LEU C 401 -5.46 -21.57 23.96
C LEU C 401 -4.76 -21.76 25.31
N VAL C 402 -3.44 -21.64 25.32
CA VAL C 402 -2.70 -21.81 26.56
C VAL C 402 -3.07 -20.74 27.58
N LEU C 403 -3.15 -19.48 27.13
CA LEU C 403 -3.58 -18.40 28.02
C LEU C 403 -4.95 -18.73 28.62
N GLU C 404 -5.88 -19.07 27.73
CA GLU C 404 -7.26 -19.37 28.09
C GLU C 404 -7.36 -20.47 29.14
N GLY C 405 -6.61 -21.55 28.94
CA GLY C 405 -6.63 -22.67 29.87
C GLY C 405 -5.96 -22.38 31.19
N THR C 406 -4.87 -21.62 31.14
CA THR C 406 -4.07 -21.35 32.33
C THR C 406 -4.81 -20.47 33.32
N GLY C 407 -5.58 -19.51 32.82
CA GLY C 407 -6.39 -18.66 33.71
C GLY C 407 -7.14 -19.37 34.84
N PRO C 408 -8.17 -20.16 34.48
CA PRO C 408 -8.98 -20.92 35.44
C PRO C 408 -8.17 -21.94 36.26
N LEU C 409 -7.14 -22.54 35.67
CA LEU C 409 -6.31 -23.48 36.40
C LEU C 409 -5.66 -22.80 37.61
N MET C 410 -5.03 -21.66 37.38
CA MET C 410 -4.38 -20.93 38.47
C MET C 410 -5.40 -20.35 39.46
N PHE C 411 -6.49 -19.79 38.93
CA PHE C 411 -7.49 -19.19 39.83
C PHE C 411 -8.11 -20.24 40.76
N HIS C 412 -8.48 -21.39 40.22
CA HIS C 412 -9.14 -22.41 41.02
C HIS C 412 -8.16 -23.19 41.90
N GLU C 413 -6.95 -23.44 41.39
CA GLU C 413 -5.94 -24.10 42.22
C GLU C 413 -5.59 -23.22 43.40
N SER C 414 -5.63 -21.90 43.20
CA SER C 414 -5.28 -20.99 44.27
C SER C 414 -6.26 -21.02 45.44
N SER C 415 -7.49 -21.47 45.21
CA SER C 415 -8.44 -21.63 46.31
C SER C 415 -7.94 -22.67 47.31
N ASN C 416 -7.29 -23.70 46.79
CA ASN C 416 -6.79 -24.79 47.62
C ASN C 416 -5.49 -25.39 47.04
N PRO C 417 -4.39 -24.64 47.12
CA PRO C 417 -3.13 -25.01 46.47
C PRO C 417 -2.47 -26.25 47.07
N ALA C 418 -1.92 -27.10 46.20
CA ALA C 418 -1.34 -28.38 46.60
C ALA C 418 0.08 -28.21 47.14
N GLY C 419 0.79 -27.19 46.65
CA GLY C 419 2.16 -26.95 47.08
C GLY C 419 2.70 -25.63 46.58
N PRO C 420 3.96 -25.31 46.95
CA PRO C 420 4.61 -24.03 46.61
C PRO C 420 5.04 -23.92 45.14
N VAL C 421 5.29 -25.05 44.48
CA VAL C 421 5.68 -25.01 43.06
C VAL C 421 4.93 -26.07 42.27
N LEU C 422 4.22 -25.65 41.23
CA LEU C 422 3.42 -26.57 40.43
C LEU C 422 3.60 -26.34 38.93
N TRP C 423 3.85 -27.42 38.20
CA TRP C 423 3.92 -27.36 36.74
C TRP C 423 2.55 -27.52 36.11
N LEU C 424 2.22 -26.60 35.21
CA LEU C 424 1.03 -26.73 34.39
C LEU C 424 1.44 -27.13 32.98
N SER C 425 1.49 -28.43 32.71
CA SER C 425 1.93 -28.90 31.41
C SER C 425 0.77 -29.16 30.47
N HIS C 426 1.06 -29.67 29.27
CA HIS C 426 0.06 -29.81 28.23
C HIS C 426 -1.10 -30.73 28.61
N ASP C 427 -0.85 -31.70 29.48
CA ASP C 427 -1.88 -32.65 29.87
C ASP C 427 -3.03 -31.96 30.61
N VAL C 428 -2.69 -31.20 31.64
CA VAL C 428 -3.71 -30.56 32.47
C VAL C 428 -4.30 -29.33 31.77
N ILE C 429 -3.51 -28.68 30.92
CA ILE C 429 -4.02 -27.59 30.09
C ILE C 429 -5.07 -28.10 29.12
N ALA C 430 -4.80 -29.26 28.51
CA ALA C 430 -5.74 -29.86 27.57
C ALA C 430 -7.00 -30.32 28.29
N LYS C 431 -6.82 -30.96 29.45
CA LYS C 431 -7.98 -31.37 30.26
C LYS C 431 -8.87 -30.15 30.61
N GLN C 432 -8.23 -29.08 31.07
CA GLN C 432 -8.94 -27.84 31.38
C GLN C 432 -9.71 -27.30 30.17
N LEU C 433 -9.02 -27.18 29.05
CA LEU C 433 -9.62 -26.62 27.84
C LEU C 433 -10.80 -27.44 27.33
N ASN C 434 -10.64 -28.75 27.24
CA ASN C 434 -11.73 -29.62 26.81
C ASN C 434 -12.90 -29.59 27.79
N LEU C 435 -12.58 -29.50 29.07
CA LEU C 435 -13.64 -29.39 30.08
C LEU C 435 -14.46 -28.11 29.91
N MET C 436 -13.78 -26.99 29.69
CA MET C 436 -14.43 -25.70 29.51
C MET C 436 -15.41 -25.65 28.35
N HIS C 437 -15.16 -26.47 27.34
CA HIS C 437 -15.95 -26.42 26.11
C HIS C 437 -16.72 -27.71 25.87
#